data_2RME
#
_entry.id   2RME
#
_entity_poly.entity_id   1
_entity_poly.type   'polypeptide(L)'
_entity_poly.pdbx_seq_one_letter_code
;PPISLDLT(DPN)HLLREVLE(NLE)ARAEQLAQQEHSKRKL(NLE)EII
;
_entity_poly.pdbx_strand_id   A
#
# COMPACT_ATOMS: atom_id res chain seq x y z
N PRO A 1 -28.69 -9.07 14.12
CA PRO A 1 -27.45 -9.34 13.41
C PRO A 1 -27.19 -8.27 12.36
N PRO A 2 -26.45 -7.20 12.79
CA PRO A 2 -26.12 -6.10 11.90
C PRO A 2 -25.03 -6.51 10.91
N ILE A 3 -24.84 -5.66 9.90
CA ILE A 3 -23.83 -5.92 8.90
C ILE A 3 -23.13 -4.60 8.53
N SER A 4 -21.86 -4.73 8.22
CA SER A 4 -21.06 -3.56 7.85
C SER A 4 -20.97 -2.59 9.04
N LEU A 5 -20.52 -3.13 10.16
CA LEU A 5 -20.38 -2.33 11.37
C LEU A 5 -19.80 -3.21 12.48
N ASP A 6 -18.63 -3.76 12.20
CA ASP A 6 -17.96 -4.61 13.18
C ASP A 6 -16.50 -4.79 12.76
N LEU A 7 -16.32 -5.19 11.52
CA LEU A 7 -14.98 -5.41 10.98
C LEU A 7 -14.67 -4.33 9.94
N THR A 8 -15.16 -3.13 10.22
CA THR A 8 -14.94 -2.01 9.32
C THR A 8 -13.72 -1.20 9.77
N HIS A 10 -11.26 -2.02 11.03
CA HIS A 10 -10.04 -2.73 10.65
C HIS A 10 -9.58 -2.24 9.28
N LEU A 11 -10.54 -1.77 8.50
CA LEU A 11 -10.24 -1.26 7.17
C LEU A 11 -9.46 0.04 7.27
N LEU A 12 -9.54 0.64 8.45
CA LEU A 12 -8.84 1.89 8.70
C LEU A 12 -7.50 1.60 9.37
N ARG A 13 -6.72 0.75 8.73
CA ARG A 13 -5.42 0.38 9.24
C ARG A 13 -4.87 -0.83 8.49
N GLU A 14 -5.78 -1.68 8.04
CA GLU A 14 -5.41 -2.87 7.30
C GLU A 14 -5.29 -2.56 5.81
N VAL A 15 -6.29 -1.84 5.30
CA VAL A 15 -6.32 -1.46 3.90
C VAL A 15 -5.40 -0.26 3.68
N LEU A 16 -5.13 0.44 4.77
CA LEU A 16 -4.27 1.61 4.71
C LEU A 16 -2.81 1.18 4.84
N GLU A 17 -2.63 -0.06 5.26
CA GLU A 17 -1.29 -0.60 5.43
C GLU A 17 -0.77 -1.15 4.10
N ALA A 19 -1.83 -1.80 -0.34
CA ALA A 19 -2.60 -1.33 -1.48
C ALA A 19 -2.53 0.19 -1.56
N ARG A 20 -1.71 0.76 -0.68
CA ARG A 20 -1.54 2.20 -0.64
C ARG A 20 -0.09 2.57 -0.95
N ALA A 21 0.82 1.75 -0.44
CA ALA A 21 2.24 1.98 -0.65
C ALA A 21 2.70 1.16 -1.86
N GLU A 22 1.89 0.17 -2.21
CA GLU A 22 2.21 -0.69 -3.33
C GLU A 22 2.21 0.11 -4.64
N GLN A 23 1.53 1.24 -4.59
CA GLN A 23 1.44 2.10 -5.76
C GLN A 23 2.20 3.41 -5.52
N LEU A 24 3.28 3.29 -4.77
CA LEU A 24 4.11 4.44 -4.45
C LEU A 24 5.32 3.99 -3.64
N ALA A 25 5.82 2.82 -3.98
CA ALA A 25 6.97 2.27 -3.28
C ALA A 25 7.76 1.37 -4.25
N GLN A 26 7.99 1.89 -5.44
CA GLN A 26 8.73 1.15 -6.45
C GLN A 26 8.85 1.98 -7.73
N GLN A 27 7.70 2.30 -8.31
CA GLN A 27 7.67 3.08 -9.53
C GLN A 27 7.94 4.56 -9.22
N GLU A 28 7.45 4.99 -8.06
CA GLU A 28 7.64 6.36 -7.63
C GLU A 28 9.13 6.72 -7.59
N HIS A 29 9.93 5.70 -7.35
CA HIS A 29 11.38 5.89 -7.28
C HIS A 29 11.91 6.23 -8.66
N SER A 30 11.26 5.67 -9.68
CA SER A 30 11.67 5.91 -11.05
C SER A 30 11.23 7.31 -11.49
N LYS A 31 10.55 7.99 -10.57
CA LYS A 31 10.06 9.33 -10.85
C LYS A 31 11.03 10.35 -10.24
N ARG A 32 11.59 9.98 -9.10
CA ARG A 32 12.52 10.85 -8.41
C ARG A 32 13.63 11.30 -9.35
N LYS A 33 14.32 10.32 -9.91
CA LYS A 33 15.41 10.59 -10.83
C LYS A 33 16.54 11.30 -10.08
N LEU A 34 16.98 10.67 -9.01
CA LEU A 34 18.05 11.22 -8.19
C LEU A 34 19.41 10.81 -8.79
N GLU A 36 19.71 8.13 -11.38
CA GLU A 36 19.36 7.15 -12.39
C GLU A 36 20.07 7.46 -13.71
N ILE A 37 19.74 8.62 -14.26
CA ILE A 37 20.34 9.05 -15.52
C ILE A 37 19.99 8.03 -16.61
N ILE A 38 20.01 8.51 -17.85
CA ILE A 38 19.70 7.66 -18.99
C ILE A 38 20.96 6.91 -19.41
N PRO A 1 -24.96 -11.63 12.03
CA PRO A 1 -24.08 -10.65 11.40
C PRO A 1 -22.87 -10.37 12.28
N PRO A 2 -21.79 -9.85 11.62
CA PRO A 2 -20.56 -9.53 12.33
C PRO A 2 -20.73 -8.25 13.16
N ILE A 3 -19.64 -7.89 13.83
CA ILE A 3 -19.65 -6.70 14.67
C ILE A 3 -18.99 -5.55 13.90
N SER A 4 -19.78 -4.94 13.02
CA SER A 4 -19.29 -3.83 12.22
C SER A 4 -19.62 -2.51 12.91
N LEU A 5 -19.61 -2.55 14.24
CA LEU A 5 -19.91 -1.37 15.03
C LEU A 5 -18.63 -0.90 15.72
N ASP A 6 -17.65 -1.78 15.76
CA ASP A 6 -16.38 -1.47 16.39
C ASP A 6 -15.24 -1.75 15.41
N LEU A 7 -15.26 -2.97 14.87
CA LEU A 7 -14.25 -3.38 13.92
C LEU A 7 -14.52 -2.73 12.57
N THR A 8 -14.50 -1.40 12.57
CA THR A 8 -14.75 -0.65 11.36
C THR A 8 -13.74 0.49 11.22
N HIS A 10 -10.96 0.59 12.48
CA HIS A 10 -9.64 0.00 12.33
C HIS A 10 -9.39 -0.33 10.86
N LEU A 11 -10.48 -0.35 10.09
CA LEU A 11 -10.39 -0.64 8.67
C LEU A 11 -9.87 0.59 7.93
N LEU A 12 -9.92 1.72 8.62
CA LEU A 12 -9.46 2.97 8.03
C LEU A 12 -7.98 3.16 8.37
N ARG A 13 -7.22 2.10 8.17
CA ARG A 13 -5.79 2.14 8.45
C ARG A 13 -5.19 0.74 8.33
N GLU A 14 -5.98 -0.25 8.71
CA GLU A 14 -5.54 -1.63 8.65
C GLU A 14 -5.54 -2.13 7.21
N VAL A 15 -6.62 -1.82 6.51
CA VAL A 15 -6.76 -2.22 5.12
C VAL A 15 -5.96 -1.27 4.23
N LEU A 16 -6.33 0.00 4.30
CA LEU A 16 -5.65 1.01 3.51
C LEU A 16 -4.14 0.74 3.51
N GLU A 17 -3.66 0.27 4.66
CA GLU A 17 -2.25 -0.05 4.81
C GLU A 17 -1.71 -0.67 3.52
N ALA A 19 -1.74 -1.77 -0.46
CA ALA A 19 -2.10 -1.11 -1.73
C ALA A 19 -1.65 0.34 -1.69
N ARG A 20 -1.14 0.74 -0.52
CA ARG A 20 -0.67 2.11 -0.35
C ARG A 20 0.85 2.15 -0.43
N ALA A 21 1.47 1.02 -0.14
CA ALA A 21 2.92 0.92 -0.18
C ALA A 21 3.35 0.37 -1.54
N GLU A 22 2.48 -0.45 -2.11
CA GLU A 22 2.75 -1.05 -3.41
C GLU A 22 2.34 -0.10 -4.53
N GLN A 23 2.04 1.14 -4.14
CA GLN A 23 1.64 2.14 -5.10
C GLN A 23 2.57 3.36 -5.01
N LEU A 24 3.77 3.11 -4.52
CA LEU A 24 4.76 4.17 -4.39
C LEU A 24 6.07 3.57 -3.88
N ALA A 25 6.36 2.37 -4.36
CA ALA A 25 7.57 1.67 -3.97
C ALA A 25 8.31 1.21 -5.22
N GLN A 26 8.08 1.93 -6.31
CA GLN A 26 8.72 1.61 -7.57
C GLN A 26 8.64 2.80 -8.53
N GLN A 27 7.45 3.35 -8.64
CA GLN A 27 7.23 4.50 -9.51
C GLN A 27 7.39 5.80 -8.72
N GLU A 28 8.17 5.72 -7.66
CA GLU A 28 8.41 6.88 -6.81
C GLU A 28 9.90 7.23 -6.82
N HIS A 29 10.73 6.20 -6.84
CA HIS A 29 12.16 6.38 -6.85
C HIS A 29 12.59 7.03 -8.17
N SER A 30 11.87 6.67 -9.22
CA SER A 30 12.16 7.20 -10.54
C SER A 30 11.67 8.65 -10.64
N LYS A 31 11.08 9.11 -9.56
CA LYS A 31 10.57 10.47 -9.51
C LYS A 31 11.57 11.38 -8.78
N ARG A 32 12.23 10.78 -7.80
CA ARG A 32 13.22 11.51 -7.03
C ARG A 32 14.22 12.22 -7.94
N LYS A 33 14.46 11.60 -9.09
CA LYS A 33 15.38 12.16 -10.07
C LYS A 33 14.83 13.50 -10.55
N LEU A 34 13.57 13.48 -10.96
CA LEU A 34 12.92 14.69 -11.45
C LEU A 34 13.25 15.86 -10.52
N GLU A 36 15.42 16.24 -8.01
CA GLU A 36 16.63 15.90 -7.29
C GLU A 36 17.59 17.09 -7.24
N ILE A 37 17.94 17.57 -8.43
CA ILE A 37 18.84 18.71 -8.54
C ILE A 37 18.36 19.82 -7.60
N ILE A 38 19.31 20.67 -7.20
CA ILE A 38 18.99 21.77 -6.31
C ILE A 38 17.83 22.58 -6.90
N PRO A 1 -23.11 -7.47 12.56
CA PRO A 1 -22.12 -8.43 13.01
C PRO A 1 -21.68 -8.12 14.44
N PRO A 2 -20.89 -9.09 15.01
CA PRO A 2 -20.39 -8.94 16.37
C PRO A 2 -19.26 -7.92 16.42
N ILE A 3 -19.23 -7.16 17.50
CA ILE A 3 -18.20 -6.16 17.69
C ILE A 3 -17.93 -5.46 16.36
N SER A 4 -18.69 -4.41 16.11
CA SER A 4 -18.55 -3.65 14.87
C SER A 4 -18.83 -2.17 15.13
N LEU A 5 -18.44 -1.72 16.32
CA LEU A 5 -18.64 -0.33 16.70
C LEU A 5 -17.58 0.07 17.73
N ASP A 6 -16.33 -0.25 17.40
CA ASP A 6 -15.23 0.07 18.29
C ASP A 6 -13.92 -0.05 17.51
N LEU A 7 -13.79 -1.16 16.80
CA LEU A 7 -12.59 -1.41 16.01
C LEU A 7 -12.89 -1.15 14.54
N THR A 8 -13.60 -0.06 14.30
CA THR A 8 -13.96 0.32 12.95
C THR A 8 -12.94 1.30 12.36
N HIS A 10 -10.03 1.50 12.79
CA HIS A 10 -8.84 0.77 12.37
C HIS A 10 -9.01 0.33 10.91
N LEU A 11 -10.26 0.15 10.51
CA LEU A 11 -10.57 -0.27 9.16
C LEU A 11 -10.13 0.83 8.18
N LEU A 12 -9.90 2.01 8.74
CA LEU A 12 -9.48 3.15 7.92
C LEU A 12 -8.00 3.44 8.20
N ARG A 13 -7.17 2.44 7.96
CA ARG A 13 -5.75 2.58 8.17
C ARG A 13 -5.05 1.21 8.09
N GLU A 14 -5.72 0.21 8.67
CA GLU A 14 -5.19 -1.14 8.66
C GLU A 14 -5.19 -1.71 7.24
N VAL A 15 -6.37 -1.68 6.64
CA VAL A 15 -6.53 -2.19 5.28
C VAL A 15 -5.85 -1.24 4.30
N LEU A 16 -6.24 0.02 4.37
CA LEU A 16 -5.66 1.04 3.50
C LEU A 16 -4.15 0.83 3.41
N GLU A 17 -3.57 0.47 4.54
CA GLU A 17 -2.13 0.24 4.60
C GLU A 17 -1.68 -0.60 3.40
N ALA A 19 -1.97 -2.11 -0.43
CA ALA A 19 -2.34 -1.61 -1.75
C ALA A 19 -1.88 -0.16 -1.89
N ARG A 20 -1.36 0.38 -0.79
CA ARG A 20 -0.88 1.74 -0.78
C ARG A 20 0.64 1.77 -0.93
N ALA A 21 1.29 0.83 -0.23
CA ALA A 21 2.74 0.74 -0.27
C ALA A 21 3.18 0.34 -1.68
N GLU A 22 2.41 -0.55 -2.29
CA GLU A 22 2.70 -1.02 -3.63
C GLU A 22 2.57 0.14 -4.63
N GLN A 23 1.87 1.17 -4.21
CA GLN A 23 1.67 2.33 -5.05
C GLN A 23 2.62 3.46 -4.65
N LEU A 24 3.77 3.06 -4.13
CA LEU A 24 4.78 4.02 -3.69
C LEU A 24 6.09 3.29 -3.44
N ALA A 25 6.31 2.24 -4.22
CA ALA A 25 7.52 1.45 -4.09
C ALA A 25 7.95 0.95 -5.48
N GLN A 26 8.05 1.89 -6.40
CA GLN A 26 8.44 1.57 -7.76
C GLN A 26 8.64 2.84 -8.58
N GLN A 27 7.64 3.72 -8.50
CA GLN A 27 7.68 4.97 -9.22
C GLN A 27 8.11 6.11 -8.29
N GLU A 28 8.79 5.73 -7.22
CA GLU A 28 9.26 6.71 -6.24
C GLU A 28 10.79 6.78 -6.26
N HIS A 29 11.40 5.67 -6.62
CA HIS A 29 12.85 5.58 -6.67
C HIS A 29 13.36 6.41 -7.85
N SER A 30 12.62 6.35 -8.95
CA SER A 30 12.97 7.09 -10.14
C SER A 30 12.65 8.57 -9.97
N LYS A 31 12.10 8.89 -8.81
CA LYS A 31 11.74 10.26 -8.49
C LYS A 31 12.90 10.94 -7.76
N ARG A 32 13.58 10.15 -6.94
CA ARG A 32 14.70 10.66 -6.18
C ARG A 32 15.96 10.69 -7.04
N LYS A 33 15.82 11.32 -8.19
CA LYS A 33 16.95 11.42 -9.12
C LYS A 33 18.08 12.20 -8.46
N LEU A 34 17.69 13.24 -7.73
CA LEU A 34 18.67 14.07 -7.04
C LEU A 34 19.57 13.18 -6.17
N GLU A 36 19.88 10.18 -5.88
CA GLU A 36 19.83 8.83 -6.43
C GLU A 36 21.22 8.18 -6.35
N ILE A 37 21.51 7.36 -7.35
CA ILE A 37 22.79 6.66 -7.40
C ILE A 37 22.92 5.96 -8.75
N ILE A 38 24.16 5.61 -9.08
CA ILE A 38 24.44 4.94 -10.33
C ILE A 38 23.69 3.60 -10.38
N PRO A 1 -2.08 -11.80 20.23
CA PRO A 1 -3.40 -11.26 20.54
C PRO A 1 -4.32 -11.34 19.31
N PRO A 2 -4.65 -12.59 18.92
CA PRO A 2 -5.52 -12.82 17.78
C PRO A 2 -6.98 -12.50 18.12
N ILE A 3 -7.65 -11.87 17.17
CA ILE A 3 -9.04 -11.51 17.36
C ILE A 3 -9.87 -12.05 16.20
N SER A 4 -10.27 -13.31 16.32
CA SER A 4 -11.06 -13.95 15.29
C SER A 4 -12.55 -13.85 15.64
N LEU A 5 -12.91 -12.73 16.23
CA LEU A 5 -14.29 -12.49 16.62
C LEU A 5 -14.84 -11.31 15.81
N ASP A 6 -14.03 -10.26 15.73
CA ASP A 6 -14.43 -9.07 15.00
C ASP A 6 -13.75 -9.07 13.62
N LEU A 7 -12.43 -9.04 13.65
CA LEU A 7 -11.66 -9.04 12.42
C LEU A 7 -11.87 -7.71 11.70
N THR A 8 -12.52 -6.79 12.39
CA THR A 8 -12.79 -5.48 11.83
C THR A 8 -11.71 -4.47 12.25
N HIS A 10 -8.94 -5.01 12.86
CA HIS A 10 -7.70 -5.39 12.23
C HIS A 10 -7.78 -5.10 10.72
N LEU A 11 -8.81 -4.36 10.35
CA LEU A 11 -9.01 -4.01 8.96
C LEU A 11 -8.81 -2.50 8.78
N LEU A 12 -8.80 -1.80 9.92
CA LEU A 12 -8.62 -0.36 9.90
C LEU A 12 -7.14 -0.04 10.14
N ARG A 13 -6.30 -0.60 9.28
CA ARG A 13 -4.86 -0.38 9.39
C ARG A 13 -4.11 -1.41 8.55
N GLU A 14 -4.72 -2.58 8.42
CA GLU A 14 -4.11 -3.65 7.65
C GLU A 14 -4.38 -3.46 6.16
N VAL A 15 -5.63 -3.14 5.85
CA VAL A 15 -6.03 -2.93 4.47
C VAL A 15 -5.45 -1.60 3.98
N LEU A 16 -5.81 -0.54 4.67
CA LEU A 16 -5.32 0.79 4.31
C LEU A 16 -3.82 0.72 4.03
N GLU A 17 -3.15 -0.13 4.79
CA GLU A 17 -1.71 -0.30 4.64
C GLU A 17 -1.34 -0.37 3.15
N ALA A 19 -2.18 -0.36 -1.01
CA ALA A 19 -2.96 0.45 -1.92
C ALA A 19 -2.68 1.93 -1.63
N ARG A 20 -1.91 2.16 -0.57
CA ARG A 20 -1.57 3.51 -0.17
C ARG A 20 -0.08 3.60 0.17
N ALA A 21 0.69 2.72 -0.46
CA ALA A 21 2.12 2.69 -0.23
C ALA A 21 2.77 1.71 -1.22
N GLU A 22 2.10 0.59 -1.40
CA GLU A 22 2.60 -0.44 -2.31
C GLU A 22 2.40 0.00 -3.76
N GLN A 23 1.78 1.17 -3.92
CA GLN A 23 1.53 1.71 -5.25
C GLN A 23 2.20 3.07 -5.39
N LEU A 24 3.36 3.21 -4.77
CA LEU A 24 4.11 4.45 -4.82
C LEU A 24 5.45 4.26 -4.12
N ALA A 25 6.00 3.06 -4.26
CA ALA A 25 7.28 2.74 -3.65
C ALA A 25 7.87 1.50 -4.33
N GLN A 26 7.50 1.33 -5.59
CA GLN A 26 7.99 0.20 -6.36
C GLN A 26 8.64 0.67 -7.67
N GLN A 27 7.88 1.47 -8.40
CA GLN A 27 8.37 2.00 -9.66
C GLN A 27 9.47 3.05 -9.42
N GLU A 28 9.29 3.81 -8.35
CA GLU A 28 10.25 4.83 -8.00
C GLU A 28 11.46 4.21 -7.29
N HIS A 29 11.20 3.10 -6.61
CA HIS A 29 12.24 2.40 -5.89
C HIS A 29 13.19 1.72 -6.89
N SER A 30 12.59 1.15 -7.92
CA SER A 30 13.36 0.46 -8.95
C SER A 30 14.04 1.49 -9.86
N LYS A 31 13.79 2.76 -9.57
CA LYS A 31 14.36 3.84 -10.35
C LYS A 31 15.72 4.23 -9.75
N ARG A 32 15.78 4.17 -8.43
CA ARG A 32 17.01 4.52 -7.72
C ARG A 32 17.96 3.32 -7.71
N LYS A 33 17.38 2.13 -7.67
CA LYS A 33 18.17 0.91 -7.65
C LYS A 33 19.30 1.05 -6.63
N LEU A 34 18.92 1.43 -5.42
CA LEU A 34 19.90 1.61 -4.35
C LEU A 34 20.25 0.23 -3.78
N GLU A 36 18.51 -2.61 -4.64
CA GLU A 36 17.76 -3.54 -5.46
C GLU A 36 18.52 -4.86 -5.61
N ILE A 37 18.35 -5.46 -6.77
CA ILE A 37 19.03 -6.73 -7.06
C ILE A 37 20.50 -6.61 -6.68
N ILE A 38 21.04 -7.73 -6.20
CA ILE A 38 22.44 -7.77 -5.80
C ILE A 38 22.74 -6.54 -4.92
N PRO A 1 -4.64 -20.82 8.67
CA PRO A 1 -6.00 -20.52 8.26
C PRO A 1 -6.71 -19.66 9.31
N PRO A 2 -6.49 -18.32 9.19
CA PRO A 2 -7.10 -17.38 10.12
C PRO A 2 -8.59 -17.20 9.82
N ILE A 3 -9.28 -16.56 10.75
CA ILE A 3 -10.70 -16.32 10.60
C ILE A 3 -10.92 -14.93 9.99
N SER A 4 -12.16 -14.63 9.68
CA SER A 4 -12.52 -13.35 9.09
C SER A 4 -13.88 -12.89 9.61
N LEU A 5 -13.95 -12.69 10.91
CA LEU A 5 -15.18 -12.25 11.54
C LEU A 5 -14.85 -11.33 12.72
N ASP A 6 -13.98 -11.82 13.58
CA ASP A 6 -13.57 -11.07 14.75
C ASP A 6 -12.33 -10.24 14.41
N LEU A 7 -11.36 -10.90 13.80
CA LEU A 7 -10.13 -10.24 13.42
C LEU A 7 -10.28 -9.65 12.01
N THR A 8 -11.43 -9.02 11.79
CA THR A 8 -11.71 -8.40 10.51
C THR A 8 -11.33 -6.92 10.51
N HIS A 10 -9.05 -5.60 11.70
CA HIS A 10 -7.62 -5.47 11.45
C HIS A 10 -7.36 -5.48 9.94
N LEU A 11 -8.32 -6.02 9.21
CA LEU A 11 -8.22 -6.10 7.77
C LEU A 11 -8.31 -4.69 7.18
N LEU A 12 -8.68 -3.75 8.03
CA LEU A 12 -8.81 -2.36 7.61
C LEU A 12 -7.46 -1.66 7.74
N ARG A 13 -6.85 -1.82 8.90
CA ARG A 13 -5.56 -1.22 9.16
C ARG A 13 -4.45 -1.96 8.41
N GLU A 14 -4.64 -3.27 8.30
CA GLU A 14 -3.67 -4.10 7.60
C GLU A 14 -3.69 -3.80 6.10
N VAL A 15 -4.90 -3.73 5.56
CA VAL A 15 -5.06 -3.45 4.14
C VAL A 15 -4.70 -1.99 3.87
N LEU A 16 -5.20 -1.12 4.73
CA LEU A 16 -4.94 0.31 4.59
C LEU A 16 -3.48 0.52 4.19
N GLU A 17 -2.61 -0.23 4.85
CA GLU A 17 -1.18 -0.14 4.57
C GLU A 17 -0.94 -0.14 3.05
N ALA A 19 -2.35 -0.16 -1.06
CA ALA A 19 -3.33 0.55 -1.86
C ALA A 19 -3.14 2.05 -1.66
N ARG A 20 -2.32 2.39 -0.68
CA ARG A 20 -2.05 3.79 -0.37
C ARG A 20 -0.54 4.01 -0.19
N ALA A 21 0.24 3.23 -0.92
CA ALA A 21 1.68 3.33 -0.85
C ALA A 21 2.30 2.40 -1.89
N GLU A 22 1.66 1.25 -2.08
CA GLU A 22 2.14 0.28 -3.05
C GLU A 22 2.11 0.87 -4.46
N GLN A 23 1.43 2.00 -4.58
CA GLN A 23 1.31 2.66 -5.86
C GLN A 23 2.23 3.89 -5.91
N LEU A 24 3.36 3.76 -5.24
CA LEU A 24 4.33 4.85 -5.21
C LEU A 24 5.39 4.53 -4.15
N ALA A 25 5.82 3.28 -4.13
CA ALA A 25 6.83 2.85 -3.18
C ALA A 25 7.16 1.37 -3.42
N GLN A 26 7.18 1.01 -4.70
CA GLN A 26 7.47 -0.36 -5.08
C GLN A 26 8.34 -0.38 -6.35
N GLN A 27 7.82 0.25 -7.38
CA GLN A 27 8.54 0.32 -8.65
C GLN A 27 9.94 0.91 -8.45
N GLU A 28 9.98 2.01 -7.72
CA GLU A 28 11.24 2.69 -7.44
C GLU A 28 12.15 1.78 -6.61
N HIS A 29 11.51 0.87 -5.88
CA HIS A 29 12.25 -0.06 -5.05
C HIS A 29 12.60 -1.32 -5.85
N SER A 30 12.48 -1.19 -7.16
CA SER A 30 12.77 -2.30 -8.05
C SER A 30 12.92 -1.80 -9.48
N LYS A 31 13.46 -0.59 -9.61
CA LYS A 31 13.66 0.02 -10.92
C LYS A 31 15.17 0.14 -11.19
N ARG A 32 15.89 0.55 -10.16
CA ARG A 32 17.34 0.71 -10.28
C ARG A 32 18.02 -0.66 -10.29
N LYS A 33 17.80 -1.39 -11.37
CA LYS A 33 18.38 -2.71 -11.51
C LYS A 33 18.11 -3.24 -12.91
N LEU A 34 18.57 -2.49 -13.90
CA LEU A 34 18.37 -2.89 -15.28
C LEU A 34 19.24 -4.08 -15.60
N GLU A 36 21.83 -5.43 -13.51
CA GLU A 36 22.59 -5.68 -12.29
C GLU A 36 22.55 -7.16 -11.92
N ILE A 37 21.34 -7.66 -11.74
CA ILE A 37 21.15 -9.06 -11.39
C ILE A 37 21.79 -9.32 -10.03
N ILE A 38 21.28 -10.36 -9.36
CA ILE A 38 21.80 -10.72 -8.06
C ILE A 38 23.33 -10.68 -8.08
N PRO A 1 -26.29 -7.39 11.77
CA PRO A 1 -26.09 -8.30 10.65
C PRO A 1 -24.97 -9.29 10.94
N PRO A 2 -24.81 -10.28 10.00
CA PRO A 2 -23.78 -11.28 10.16
C PRO A 2 -22.40 -10.72 9.83
N ILE A 3 -21.38 -11.41 10.30
CA ILE A 3 -20.01 -10.98 10.07
C ILE A 3 -19.91 -9.47 10.27
N SER A 4 -18.81 -8.91 9.78
CA SER A 4 -18.58 -7.48 9.90
C SER A 4 -18.99 -6.99 11.29
N LEU A 5 -18.53 -7.73 12.30
CA LEU A 5 -18.84 -7.39 13.67
C LEU A 5 -17.55 -6.97 14.39
N ASP A 6 -16.47 -7.65 14.04
CA ASP A 6 -15.18 -7.36 14.64
C ASP A 6 -14.15 -7.13 13.52
N LEU A 7 -14.18 -8.02 12.55
CA LEU A 7 -13.26 -7.92 11.43
C LEU A 7 -13.72 -6.81 10.48
N THR A 8 -13.82 -5.61 11.04
CA THR A 8 -14.25 -4.46 10.27
C THR A 8 -13.37 -3.24 10.59
N HIS A 10 -10.53 -3.32 11.82
CA HIS A 10 -9.16 -3.64 11.44
C HIS A 10 -8.94 -3.26 9.98
N LEU A 11 -10.04 -3.22 9.23
CA LEU A 11 -9.97 -2.89 7.82
C LEU A 11 -9.57 -1.42 7.68
N LEU A 12 -9.73 -0.68 8.77
CA LEU A 12 -9.40 0.73 8.77
C LEU A 12 -7.97 0.92 9.29
N ARG A 13 -7.07 0.09 8.76
CA ARG A 13 -5.67 0.15 9.17
C ARG A 13 -4.90 -1.01 8.55
N GLU A 14 -5.53 -2.18 8.57
CA GLU A 14 -4.91 -3.37 8.03
C GLU A 14 -4.86 -3.29 6.50
N VAL A 15 -5.99 -2.90 5.92
CA VAL A 15 -6.08 -2.77 4.48
C VAL A 15 -5.49 -1.43 4.04
N LEU A 16 -5.93 -0.38 4.71
CA LEU A 16 -5.46 0.96 4.41
C LEU A 16 -3.95 0.91 4.15
N GLU A 17 -3.26 0.13 4.98
CA GLU A 17 -1.82 -0.01 4.85
C GLU A 17 -1.44 -0.26 3.39
N ALA A 19 -2.16 -0.54 -0.75
CA ALA A 19 -2.82 0.27 -1.76
C ALA A 19 -2.37 1.73 -1.61
N ARG A 20 -1.75 2.01 -0.47
CA ARG A 20 -1.27 3.35 -0.19
C ARG A 20 0.25 3.34 0.00
N ALA A 21 0.79 2.13 0.08
CA ALA A 21 2.22 1.96 0.26
C ALA A 21 2.69 0.73 -0.50
N GLU A 22 2.21 0.62 -1.74
CA GLU A 22 2.57 -0.50 -2.58
C GLU A 22 2.69 -0.06 -4.04
N GLN A 23 1.75 0.78 -4.46
CA GLN A 23 1.74 1.28 -5.81
C GLN A 23 2.54 2.58 -5.90
N LEU A 24 3.46 2.73 -4.96
CA LEU A 24 4.30 3.93 -4.91
C LEU A 24 5.62 3.59 -4.22
N ALA A 25 5.98 2.32 -4.29
CA ALA A 25 7.21 1.86 -3.68
C ALA A 25 8.04 1.08 -4.71
N GLN A 26 8.24 1.72 -5.86
CA GLN A 26 9.01 1.11 -6.92
C GLN A 26 9.05 2.03 -8.14
N GLN A 27 7.87 2.34 -8.66
CA GLN A 27 7.75 3.19 -9.81
C GLN A 27 8.00 4.65 -9.42
N GLU A 28 7.45 5.02 -8.27
CA GLU A 28 7.61 6.37 -7.76
C GLU A 28 9.07 6.79 -7.79
N HIS A 29 9.94 5.80 -7.66
CA HIS A 29 11.37 6.05 -7.67
C HIS A 29 11.81 6.48 -9.08
N SER A 30 11.25 5.80 -10.06
CA SER A 30 11.58 6.11 -11.46
C SER A 30 10.87 7.40 -11.88
N LYS A 31 10.11 7.95 -10.95
CA LYS A 31 9.39 9.18 -11.22
C LYS A 31 10.24 10.38 -10.81
N ARG A 32 10.96 10.21 -9.71
CA ARG A 32 11.82 11.26 -9.20
C ARG A 32 13.06 11.40 -10.08
N LYS A 33 12.83 11.80 -11.33
CA LYS A 33 13.91 11.97 -12.27
C LYS A 33 14.85 13.07 -11.77
N LEU A 34 14.29 14.25 -11.58
CA LEU A 34 15.06 15.38 -11.10
C LEU A 34 16.11 15.75 -12.15
N GLU A 36 16.52 14.53 -14.91
CA GLU A 36 17.05 13.30 -15.48
C GLU A 36 16.56 13.14 -16.92
N ILE A 37 15.24 13.09 -17.06
CA ILE A 37 14.63 12.93 -18.37
C ILE A 37 13.25 13.59 -18.37
N ILE A 38 12.82 13.97 -19.56
CA ILE A 38 11.52 14.61 -19.71
C ILE A 38 10.45 13.75 -19.05
N PRO A 1 -26.40 -6.56 17.47
CA PRO A 1 -26.21 -7.33 16.26
C PRO A 1 -26.10 -6.42 15.04
N PRO A 2 -24.84 -6.01 14.74
CA PRO A 2 -24.59 -5.14 13.60
C PRO A 2 -24.70 -5.91 12.28
N ILE A 3 -25.39 -5.30 11.33
CA ILE A 3 -25.58 -5.92 10.02
C ILE A 3 -24.63 -5.25 9.01
N SER A 4 -23.35 -5.53 9.17
CA SER A 4 -22.35 -4.97 8.27
C SER A 4 -22.14 -3.50 8.61
N LEU A 5 -21.36 -3.27 9.66
CA LEU A 5 -21.07 -1.91 10.09
C LEU A 5 -20.02 -1.95 11.20
N ASP A 6 -18.92 -2.64 10.92
CA ASP A 6 -17.84 -2.77 11.87
C ASP A 6 -16.57 -3.24 11.16
N LEU A 7 -16.72 -4.31 10.41
CA LEU A 7 -15.61 -4.87 9.65
C LEU A 7 -15.33 -3.99 8.44
N THR A 8 -16.38 -3.32 7.98
CA THR A 8 -16.25 -2.45 6.82
C THR A 8 -15.32 -1.28 7.13
N HIS A 10 -13.27 -0.95 9.18
CA HIS A 10 -11.92 -1.45 9.42
C HIS A 10 -11.13 -1.45 8.12
N LEU A 11 -11.86 -1.59 7.02
CA LEU A 11 -11.24 -1.61 5.70
C LEU A 11 -10.60 -0.24 5.44
N LEU A 12 -11.08 0.75 6.15
CA LEU A 12 -10.57 2.11 5.99
C LEU A 12 -9.47 2.35 7.03
N ARG A 13 -8.54 1.39 7.10
CA ARG A 13 -7.44 1.49 8.05
C ARG A 13 -6.65 0.19 8.06
N GLU A 14 -7.36 -0.91 7.89
CA GLU A 14 -6.74 -2.22 7.88
C GLU A 14 -6.10 -2.49 6.51
N VAL A 15 -6.89 -2.24 5.48
CA VAL A 15 -6.42 -2.45 4.11
C VAL A 15 -5.50 -1.30 3.71
N LEU A 16 -5.89 -0.10 4.11
CA LEU A 16 -5.11 1.08 3.79
C LEU A 16 -3.64 0.80 4.05
N GLU A 17 -3.39 0.06 5.12
CA GLU A 17 -2.02 -0.29 5.49
C GLU A 17 -1.23 -0.71 4.26
N ALA A 19 -1.19 -1.77 -0.08
CA ALA A 19 -1.73 -1.31 -1.35
C ALA A 19 -1.39 0.18 -1.54
N ARG A 20 -0.80 0.74 -0.50
CA ARG A 20 -0.42 2.15 -0.52
C ARG A 20 1.07 2.29 -0.81
N ALA A 21 1.85 1.41 -0.17
CA ALA A 21 3.30 1.42 -0.34
C ALA A 21 3.65 0.88 -1.73
N GLU A 22 2.71 0.13 -2.29
CA GLU A 22 2.90 -0.46 -3.60
C GLU A 22 2.66 0.58 -4.69
N GLN A 23 1.94 1.63 -4.32
CA GLN A 23 1.64 2.70 -5.24
C GLN A 23 2.43 3.96 -4.88
N LEU A 24 3.63 3.74 -4.37
CA LEU A 24 4.49 4.84 -3.98
C LEU A 24 5.83 4.28 -3.48
N ALA A 25 6.27 3.21 -4.14
CA ALA A 25 7.52 2.58 -3.77
C ALA A 25 7.84 1.47 -4.78
N GLN A 26 7.48 1.73 -6.02
CA GLN A 26 7.72 0.77 -7.08
C GLN A 26 7.76 1.47 -8.44
N GLN A 27 6.73 2.27 -8.69
CA GLN A 27 6.63 3.00 -9.94
C GLN A 27 7.64 4.16 -9.95
N GLU A 28 7.90 4.69 -8.77
CA GLU A 28 8.84 5.79 -8.64
C GLU A 28 10.20 5.40 -9.20
N HIS A 29 10.47 4.10 -9.16
CA HIS A 29 11.73 3.58 -9.67
C HIS A 29 11.76 3.69 -11.19
N SER A 30 10.63 3.35 -11.80
CA SER A 30 10.51 3.41 -13.24
C SER A 30 10.37 4.86 -13.71
N LYS A 31 10.35 5.76 -12.73
CA LYS A 31 10.23 7.18 -13.03
C LYS A 31 11.63 7.77 -13.23
N ARG A 32 12.58 7.23 -12.49
CA ARG A 32 13.95 7.70 -12.59
C ARG A 32 14.75 6.79 -13.52
N LYS A 33 14.73 7.15 -14.80
CA LYS A 33 15.46 6.38 -15.79
C LYS A 33 14.81 5.00 -15.94
N LEU A 34 13.64 4.99 -16.57
CA LEU A 34 12.92 3.74 -16.78
C LEU A 34 13.81 2.75 -17.52
N GLU A 36 16.47 4.10 -19.67
CA GLU A 36 17.47 4.97 -20.27
C GLU A 36 18.87 4.36 -20.12
N ILE A 37 19.16 3.94 -18.89
CA ILE A 37 20.46 3.34 -18.61
C ILE A 37 21.56 4.38 -18.81
N ILE A 38 22.66 4.18 -18.09
CA ILE A 38 23.78 5.09 -18.18
C ILE A 38 24.26 5.18 -19.63
N PRO A 1 -15.79 3.22 25.92
CA PRO A 1 -14.64 2.76 25.15
C PRO A 1 -14.59 1.23 25.11
N PRO A 2 -15.46 0.64 24.27
CA PRO A 2 -15.52 -0.80 24.13
C PRO A 2 -14.33 -1.32 23.31
N ILE A 3 -14.09 -2.62 23.44
CA ILE A 3 -13.00 -3.25 22.72
C ILE A 3 -13.47 -4.59 22.14
N SER A 4 -13.15 -4.79 20.86
CA SER A 4 -13.54 -6.02 20.19
C SER A 4 -15.06 -6.11 20.10
N LEU A 5 -15.63 -5.21 19.32
CA LEU A 5 -17.07 -5.18 19.14
C LEU A 5 -17.40 -5.17 17.65
N ASP A 6 -16.68 -4.32 16.92
CA ASP A 6 -16.88 -4.21 15.48
C ASP A 6 -15.71 -4.86 14.75
N LEU A 7 -14.52 -4.30 14.97
CA LEU A 7 -13.33 -4.81 14.35
C LEU A 7 -13.40 -4.59 12.83
N THR A 8 -14.39 -3.80 12.44
CA THR A 8 -14.59 -3.49 11.03
C THR A 8 -13.92 -2.17 10.68
N HIS A 10 -11.43 -1.05 11.91
CA HIS A 10 -10.00 -1.25 11.96
C HIS A 10 -9.51 -1.80 10.61
N LEU A 11 -10.47 -2.31 9.85
CA LEU A 11 -10.16 -2.87 8.54
C LEU A 11 -9.62 -1.76 7.63
N LEU A 12 -10.05 -0.55 7.92
CA LEU A 12 -9.62 0.61 7.14
C LEU A 12 -8.13 0.83 7.37
N ARG A 13 -7.80 1.27 8.57
CA ARG A 13 -6.41 1.53 8.93
C ARG A 13 -5.56 0.30 8.65
N GLU A 14 -6.23 -0.84 8.55
CA GLU A 14 -5.54 -2.09 8.29
C GLU A 14 -5.32 -2.28 6.77
N VAL A 15 -6.42 -2.28 6.05
CA VAL A 15 -6.38 -2.44 4.61
C VAL A 15 -5.65 -1.24 3.99
N LEU A 16 -6.09 -0.05 4.39
CA LEU A 16 -5.49 1.18 3.89
C LEU A 16 -3.96 1.05 3.93
N GLU A 17 -3.48 0.42 4.99
CA GLU A 17 -2.05 0.23 5.15
C GLU A 17 -1.46 -0.43 3.90
N ALA A 19 -1.79 -1.72 -0.22
CA ALA A 19 -2.30 -1.23 -1.49
C ALA A 19 -1.87 0.23 -1.68
N ARG A 20 -1.27 0.77 -0.64
CA ARG A 20 -0.81 2.15 -0.67
C ARG A 20 0.72 2.21 -0.77
N ALA A 21 1.34 1.09 -0.41
CA ALA A 21 2.79 1.00 -0.46
C ALA A 21 3.22 0.61 -1.87
N GLU A 22 2.50 -0.32 -2.46
CA GLU A 22 2.79 -0.78 -3.80
C GLU A 22 2.58 0.35 -4.81
N GLN A 23 1.78 1.32 -4.41
CA GLN A 23 1.49 2.46 -5.25
C GLN A 23 2.39 3.64 -4.88
N LEU A 24 3.56 3.31 -4.35
CA LEU A 24 4.51 4.34 -3.95
C LEU A 24 5.81 3.67 -3.49
N ALA A 25 6.14 2.57 -4.17
CA ALA A 25 7.35 1.83 -3.84
C ALA A 25 7.78 1.01 -5.06
N GLN A 26 8.02 1.71 -6.15
CA GLN A 26 8.44 1.06 -7.38
C GLN A 26 8.51 2.08 -8.52
N GLN A 27 7.61 3.04 -8.47
CA GLN A 27 7.56 4.08 -9.49
C GLN A 27 8.28 5.33 -9.00
N GLU A 28 8.78 5.26 -7.77
CA GLU A 28 9.48 6.38 -7.18
C GLU A 28 10.96 6.02 -6.98
N HIS A 29 11.22 4.72 -6.95
CA HIS A 29 12.58 4.23 -6.76
C HIS A 29 13.29 4.16 -8.11
N SER A 30 12.68 4.79 -9.11
CA SER A 30 13.24 4.80 -10.44
C SER A 30 12.56 5.89 -11.28
N LYS A 31 12.13 6.95 -10.60
CA LYS A 31 11.48 8.05 -11.26
C LYS A 31 12.47 9.19 -11.47
N ARG A 32 13.42 9.28 -10.54
CA ARG A 32 14.44 10.31 -10.60
C ARG A 32 15.04 10.38 -12.01
N LYS A 33 15.10 9.22 -12.65
CA LYS A 33 15.66 9.13 -13.99
C LYS A 33 14.54 9.40 -15.01
N LEU A 34 13.59 10.23 -14.60
CA LEU A 34 12.47 10.58 -15.46
C LEU A 34 12.96 11.51 -16.56
N GLU A 36 15.59 11.58 -18.23
CA GLU A 36 16.96 12.01 -17.97
C GLU A 36 17.92 11.41 -19.00
N ILE A 37 18.01 10.09 -18.96
CA ILE A 37 18.89 9.39 -19.89
C ILE A 37 18.42 9.63 -21.32
N ILE A 38 19.36 9.52 -22.25
CA ILE A 38 19.06 9.74 -23.66
C ILE A 38 17.91 8.81 -24.07
N PRO A 1 -3.25 5.27 24.71
CA PRO A 1 -3.91 5.00 23.43
C PRO A 1 -3.56 3.59 22.92
N PRO A 2 -4.42 2.62 23.32
CA PRO A 2 -4.22 1.24 22.90
C PRO A 2 -4.60 1.04 21.44
N ILE A 3 -4.06 -0.03 20.85
CA ILE A 3 -4.33 -0.34 19.46
C ILE A 3 -4.57 -1.85 19.32
N SER A 4 -5.52 -2.34 20.10
CA SER A 4 -5.85 -3.76 20.07
C SER A 4 -7.09 -4.03 20.93
N LEU A 5 -8.19 -3.42 20.52
CA LEU A 5 -9.44 -3.60 21.24
C LEU A 5 -10.59 -2.99 20.41
N ASP A 6 -10.68 -3.46 19.18
CA ASP A 6 -11.72 -2.98 18.28
C ASP A 6 -11.84 -3.92 17.08
N LEU A 7 -10.68 -4.33 16.59
CA LEU A 7 -10.63 -5.24 15.44
C LEU A 7 -10.94 -4.45 14.16
N THR A 8 -12.01 -3.68 14.22
CA THR A 8 -12.42 -2.88 13.08
C THR A 8 -11.38 -1.80 12.78
N HIS A 10 -8.58 -1.88 13.32
CA HIS A 10 -7.34 -2.55 12.93
C HIS A 10 -7.51 -3.16 11.53
N LEU A 11 -8.61 -2.79 10.90
CA LEU A 11 -8.90 -3.28 9.56
C LEU A 11 -8.90 -2.11 8.58
N LEU A 12 -8.81 -0.91 9.13
CA LEU A 12 -8.81 0.30 8.31
C LEU A 12 -7.37 0.73 8.08
N ARG A 13 -6.65 0.93 9.18
CA ARG A 13 -5.26 1.35 9.10
C ARG A 13 -4.39 0.22 8.53
N GLU A 14 -4.80 -1.00 8.84
CA GLU A 14 -4.07 -2.17 8.35
C GLU A 14 -4.30 -2.36 6.86
N VAL A 15 -5.57 -2.27 6.47
CA VAL A 15 -5.94 -2.43 5.08
C VAL A 15 -5.34 -1.28 4.26
N LEU A 16 -5.58 -0.07 4.74
CA LEU A 16 -5.07 1.11 4.06
C LEU A 16 -3.57 0.94 3.82
N GLU A 17 -2.91 0.29 4.77
CA GLU A 17 -1.49 0.07 4.68
C GLU A 17 -1.13 -0.51 3.30
N ALA A 19 -2.06 -1.56 -0.74
CA ALA A 19 -2.74 -0.97 -1.88
C ALA A 19 -2.33 0.51 -2.00
N ARG A 20 -1.57 0.96 -1.01
CA ARG A 20 -1.10 2.33 -1.00
C ARG A 20 0.42 2.38 -1.20
N ALA A 21 1.04 1.22 -1.02
CA ALA A 21 2.48 1.12 -1.17
C ALA A 21 2.81 0.66 -2.59
N GLU A 22 1.85 -0.03 -3.19
CA GLU A 22 2.02 -0.52 -4.55
C GLU A 22 2.14 0.65 -5.54
N GLN A 23 1.35 1.67 -5.28
CA GLN A 23 1.36 2.85 -6.14
C GLN A 23 2.06 4.01 -5.43
N LEU A 24 3.04 3.66 -4.61
CA LEU A 24 3.80 4.65 -3.87
C LEU A 24 4.85 3.95 -3.01
N ALA A 25 5.44 2.92 -3.59
CA ALA A 25 6.47 2.15 -2.89
C ALA A 25 6.98 1.04 -3.80
N GLN A 26 7.48 1.44 -4.96
CA GLN A 26 8.00 0.49 -5.93
C GLN A 26 8.70 1.23 -7.07
N GLN A 27 8.07 2.31 -7.52
CA GLN A 27 8.63 3.10 -8.60
C GLN A 27 9.16 4.43 -8.05
N GLU A 28 8.97 4.63 -6.76
CA GLU A 28 9.44 5.84 -6.10
C GLU A 28 10.89 5.71 -5.69
N HIS A 29 11.30 4.46 -5.45
CA HIS A 29 12.67 4.19 -5.05
C HIS A 29 13.61 4.41 -6.24
N SER A 30 13.15 3.95 -7.40
CA SER A 30 13.94 4.09 -8.61
C SER A 30 13.87 5.54 -9.11
N LYS A 31 13.12 6.35 -8.38
CA LYS A 31 12.98 7.75 -8.74
C LYS A 31 14.08 8.56 -8.06
N ARG A 32 14.38 8.17 -6.82
CA ARG A 32 15.41 8.86 -6.06
C ARG A 32 16.75 8.18 -6.26
N LYS A 33 16.71 6.87 -6.49
CA LYS A 33 17.91 6.10 -6.69
C LYS A 33 18.83 6.26 -5.48
N LEU A 34 18.30 5.93 -4.31
CA LEU A 34 19.05 6.04 -3.09
C LEU A 34 19.93 4.78 -2.92
N GLU A 36 19.64 1.76 -4.98
CA GLU A 36 19.25 0.90 -6.09
C GLU A 36 20.49 0.24 -6.69
N ILE A 37 21.37 1.07 -7.22
CA ILE A 37 22.60 0.58 -7.82
C ILE A 37 23.44 -0.15 -6.77
N ILE A 38 24.32 -1.01 -7.26
CA ILE A 38 25.18 -1.78 -6.36
C ILE A 38 26.00 -0.81 -5.51
N PRO A 1 -14.38 9.53 24.26
CA PRO A 1 -14.35 9.17 22.85
C PRO A 1 -13.33 8.07 22.58
N PRO A 2 -13.74 6.81 22.93
CA PRO A 2 -12.86 5.66 22.74
C PRO A 2 -12.80 5.27 21.26
N ILE A 3 -12.09 4.18 21.00
CA ILE A 3 -11.95 3.69 19.64
C ILE A 3 -11.98 2.16 19.65
N SER A 4 -13.14 1.62 19.98
CA SER A 4 -13.31 0.18 20.03
C SER A 4 -14.79 -0.17 20.17
N LEU A 5 -15.59 0.40 19.28
CA LEU A 5 -17.02 0.16 19.29
C LEU A 5 -17.43 -0.52 17.97
N ASP A 6 -16.84 -0.03 16.88
CA ASP A 6 -17.14 -0.58 15.58
C ASP A 6 -16.03 -1.56 15.18
N LEU A 7 -14.81 -1.04 15.13
CA LEU A 7 -13.67 -1.86 14.77
C LEU A 7 -13.66 -2.08 13.26
N THR A 8 -14.68 -1.53 12.61
CA THR A 8 -14.79 -1.65 11.16
C THR A 8 -14.22 -0.43 10.47
N HIS A 10 -12.20 1.37 11.39
CA HIS A 10 -10.77 1.42 11.66
C HIS A 10 -10.04 0.52 10.66
N LEU A 11 -10.80 -0.34 10.01
CA LEU A 11 -10.24 -1.26 9.04
C LEU A 11 -9.75 -0.47 7.82
N LEU A 12 -10.28 0.74 7.69
CA LEU A 12 -9.91 1.60 6.58
C LEU A 12 -8.41 1.88 6.64
N ARG A 13 -7.96 2.32 7.80
CA ARG A 13 -6.55 2.63 8.00
C ARG A 13 -5.71 1.34 7.92
N GLU A 14 -6.27 0.28 8.50
CA GLU A 14 -5.59 -1.00 8.50
C GLU A 14 -5.46 -1.53 7.07
N VAL A 15 -6.59 -1.59 6.39
CA VAL A 15 -6.62 -2.08 5.02
C VAL A 15 -5.81 -1.13 4.14
N LEU A 16 -6.10 0.15 4.27
CA LEU A 16 -5.40 1.16 3.49
C LEU A 16 -3.92 0.80 3.38
N GLU A 17 -3.38 0.35 4.51
CA GLU A 17 -1.98 -0.04 4.56
C GLU A 17 -1.57 -0.75 3.27
N ALA A 19 -1.85 -2.09 -0.56
CA ALA A 19 -2.24 -1.49 -1.81
C ALA A 19 -1.72 -0.04 -1.87
N ARG A 20 -1.15 0.38 -0.74
CA ARG A 20 -0.62 1.74 -0.64
C ARG A 20 0.91 1.71 -0.75
N ALA A 21 1.49 0.68 -0.15
CA ALA A 21 2.94 0.52 -0.17
C ALA A 21 3.40 0.28 -1.61
N GLU A 22 2.77 -0.70 -2.24
CA GLU A 22 3.10 -1.04 -3.62
C GLU A 22 2.71 0.09 -4.56
N GLN A 23 1.98 1.06 -4.00
CA GLN A 23 1.53 2.20 -4.78
C GLN A 23 2.38 3.43 -4.44
N LEU A 24 3.61 3.17 -4.02
CA LEU A 24 4.51 4.25 -3.66
C LEU A 24 5.88 3.65 -3.31
N ALA A 25 6.24 2.61 -4.03
CA ALA A 25 7.51 1.95 -3.81
C ALA A 25 7.98 1.30 -5.12
N GLN A 26 7.80 2.03 -6.21
CA GLN A 26 8.19 1.55 -7.52
C GLN A 26 8.36 2.72 -8.49
N GLN A 27 7.27 3.44 -8.69
CA GLN A 27 7.29 4.59 -9.59
C GLN A 27 7.64 5.86 -8.82
N GLU A 28 8.44 5.69 -7.78
CA GLU A 28 8.86 6.81 -6.96
C GLU A 28 10.39 6.96 -6.99
N HIS A 29 11.06 5.81 -6.97
CA HIS A 29 12.50 5.80 -7.00
C HIS A 29 13.00 6.28 -8.37
N SER A 30 12.24 5.92 -9.39
CA SER A 30 12.58 6.31 -10.75
C SER A 30 12.27 7.79 -10.97
N LYS A 31 11.73 8.41 -9.93
CA LYS A 31 11.37 9.82 -9.98
C LYS A 31 12.50 10.65 -9.39
N ARG A 32 13.12 10.08 -8.35
CA ARG A 32 14.21 10.77 -7.68
C ARG A 32 15.48 10.71 -8.53
N LYS A 33 15.48 9.79 -9.47
CA LYS A 33 16.62 9.63 -10.37
C LYS A 33 16.93 10.96 -11.05
N LEU A 34 15.89 11.55 -11.62
CA LEU A 34 16.04 12.82 -12.31
C LEU A 34 16.96 13.74 -11.48
N GLU A 36 20.12 12.93 -9.77
CA GLU A 36 20.44 12.31 -8.50
C GLU A 36 21.94 12.42 -8.21
N ILE A 37 22.73 11.93 -9.16
CA ILE A 37 24.17 11.98 -9.03
C ILE A 37 24.57 11.40 -7.67
N ILE A 38 23.69 10.57 -7.13
CA ILE A 38 23.94 9.95 -5.84
C ILE A 38 24.54 10.99 -4.88
N PRO A 1 -19.46 -17.59 3.33
CA PRO A 1 -20.06 -16.27 3.19
C PRO A 1 -18.99 -15.19 3.06
N PRO A 2 -19.41 -14.05 2.47
CA PRO A 2 -18.50 -12.92 2.27
C PRO A 2 -18.24 -12.19 3.58
N ILE A 3 -17.24 -11.33 3.55
CA ILE A 3 -16.87 -10.56 4.73
C ILE A 3 -16.65 -9.09 4.33
N SER A 4 -17.71 -8.51 3.77
CA SER A 4 -17.65 -7.12 3.34
C SER A 4 -19.02 -6.48 3.47
N LEU A 5 -19.63 -6.66 4.64
CA LEU A 5 -20.94 -6.10 4.90
C LEU A 5 -21.00 -5.63 6.35
N ASP A 6 -20.57 -6.51 7.25
CA ASP A 6 -20.58 -6.19 8.67
C ASP A 6 -19.15 -5.89 9.12
N LEU A 7 -18.23 -6.74 8.68
CA LEU A 7 -16.82 -6.58 9.03
C LEU A 7 -16.14 -5.72 7.98
N THR A 8 -16.84 -4.67 7.57
CA THR A 8 -16.30 -3.76 6.57
C THR A 8 -15.62 -2.56 7.25
N HIS A 10 -14.10 -2.42 9.75
CA HIS A 10 -12.80 -2.83 10.24
C HIS A 10 -11.77 -2.71 9.11
N LEU A 11 -12.28 -2.75 7.88
CA LEU A 11 -11.42 -2.64 6.71
C LEU A 11 -10.75 -1.27 6.70
N LEU A 12 -11.29 -0.38 7.50
CA LEU A 12 -10.75 0.98 7.60
C LEU A 12 -9.46 0.94 8.41
N ARG A 13 -8.36 1.30 7.73
CA ARG A 13 -7.06 1.32 8.37
C ARG A 13 -6.38 -0.04 8.22
N GLU A 14 -7.20 -1.06 8.01
CA GLU A 14 -6.69 -2.41 7.85
C GLU A 14 -6.08 -2.58 6.46
N VAL A 15 -6.90 -2.33 5.45
CA VAL A 15 -6.45 -2.46 4.08
C VAL A 15 -5.54 -1.27 3.73
N LEU A 16 -6.00 -0.08 4.11
CA LEU A 16 -5.24 1.12 3.84
C LEU A 16 -3.76 0.85 4.10
N GLU A 17 -3.50 0.16 5.20
CA GLU A 17 -2.13 -0.17 5.57
C GLU A 17 -1.34 -0.62 4.34
N ALA A 19 -1.32 -1.76 0.02
CA ALA A 19 -1.86 -1.31 -1.26
C ALA A 19 -1.50 0.17 -1.47
N ARG A 20 -0.91 0.75 -0.44
CA ARG A 20 -0.51 2.15 -0.49
C ARG A 20 1.01 2.26 -0.71
N ALA A 21 1.73 1.36 -0.05
CA ALA A 21 3.18 1.35 -0.16
C ALA A 21 3.57 1.01 -1.60
N GLU A 22 2.95 -0.03 -2.12
CA GLU A 22 3.23 -0.47 -3.48
C GLU A 22 2.75 0.58 -4.49
N GLN A 23 2.01 1.56 -3.96
CA GLN A 23 1.50 2.62 -4.80
C GLN A 23 2.31 3.90 -4.60
N LEU A 24 3.57 3.71 -4.22
CA LEU A 24 4.46 4.83 -3.98
C LEU A 24 5.85 4.31 -3.65
N ALA A 25 6.22 3.21 -4.32
CA ALA A 25 7.53 2.60 -4.11
C ALA A 25 7.71 1.46 -5.11
N GLN A 26 7.32 1.73 -6.35
CA GLN A 26 7.44 0.75 -7.40
C GLN A 26 7.89 1.41 -8.69
N GLN A 27 7.14 2.43 -9.10
CA GLN A 27 7.45 3.15 -10.32
C GLN A 27 8.70 4.00 -10.12
N GLU A 28 8.78 4.63 -8.96
CA GLU A 28 9.91 5.48 -8.63
C GLU A 28 11.18 4.64 -8.50
N HIS A 29 10.98 3.36 -8.22
CA HIS A 29 12.10 2.45 -8.07
C HIS A 29 12.52 1.91 -9.44
N SER A 30 11.92 2.48 -10.47
CA SER A 30 12.21 2.07 -11.84
C SER A 30 11.58 3.04 -12.83
N LYS A 31 11.59 4.32 -12.44
CA LYS A 31 11.02 5.35 -13.28
C LYS A 31 12.14 6.20 -13.88
N ARG A 32 13.23 6.26 -13.14
CA ARG A 32 14.39 7.03 -13.59
C ARG A 32 14.68 6.75 -15.05
N LYS A 33 14.83 5.47 -15.37
CA LYS A 33 15.11 5.06 -16.73
C LYS A 33 14.03 5.63 -17.66
N LEU A 34 12.79 5.53 -17.22
CA LEU A 34 11.67 6.03 -17.99
C LEU A 34 11.98 7.45 -18.47
N GLU A 36 14.74 9.30 -18.41
CA GLU A 36 16.18 9.47 -18.36
C GLU A 36 16.68 10.13 -19.65
N ILE A 37 16.43 9.44 -20.76
CA ILE A 37 16.85 9.94 -22.05
C ILE A 37 16.44 11.40 -22.19
N ILE A 38 17.10 12.08 -23.13
CA ILE A 38 16.82 13.49 -23.36
C ILE A 38 15.37 13.64 -23.86
N PRO A 1 -19.23 -21.44 7.60
CA PRO A 1 -18.26 -20.36 7.58
C PRO A 1 -18.92 -19.03 7.19
N PRO A 2 -18.14 -17.93 7.33
CA PRO A 2 -18.64 -16.61 7.01
C PRO A 2 -18.69 -16.41 5.49
N ILE A 3 -19.63 -15.57 5.07
CA ILE A 3 -19.80 -15.28 3.65
C ILE A 3 -19.29 -13.88 3.36
N SER A 4 -18.06 -13.62 3.78
CA SER A 4 -17.45 -12.31 3.57
C SER A 4 -18.17 -11.26 4.41
N LEU A 5 -18.00 -11.37 5.73
CA LEU A 5 -18.63 -10.44 6.64
C LEU A 5 -18.05 -10.65 8.04
N ASP A 6 -16.72 -10.64 8.10
CA ASP A 6 -16.03 -10.82 9.37
C ASP A 6 -14.60 -10.32 9.24
N LEU A 7 -13.90 -10.86 8.25
CA LEU A 7 -12.52 -10.47 8.01
C LEU A 7 -12.47 -9.48 6.85
N THR A 8 -13.59 -8.80 6.65
CA THR A 8 -13.69 -7.82 5.59
C THR A 8 -13.27 -6.44 6.09
N HIS A 10 -11.45 -5.76 8.22
CA HIS A 10 -10.04 -5.79 8.52
C HIS A 10 -9.23 -5.78 7.22
N LEU A 11 -9.94 -6.00 6.11
CA LEU A 11 -9.30 -6.01 4.81
C LEU A 11 -9.18 -4.58 4.30
N LEU A 12 -9.80 -3.67 5.04
CA LEU A 12 -9.76 -2.26 4.66
C LEU A 12 -8.58 -1.59 5.37
N ARG A 13 -8.54 -1.74 6.68
CA ARG A 13 -7.47 -1.15 7.47
C ARG A 13 -6.14 -1.82 7.14
N GLU A 14 -6.22 -3.11 6.86
CA GLU A 14 -5.03 -3.89 6.52
C GLU A 14 -4.51 -3.49 5.14
N VAL A 15 -5.41 -3.49 4.18
CA VAL A 15 -5.05 -3.14 2.81
C VAL A 15 -4.64 -1.67 2.77
N LEU A 16 -5.46 -0.83 3.37
CA LEU A 16 -5.19 0.60 3.42
C LEU A 16 -3.69 0.82 3.67
N GLU A 17 -3.17 0.02 4.60
CA GLU A 17 -1.77 0.11 4.96
C GLU A 17 -0.89 -0.10 3.72
N ALA A 19 -1.60 0.07 0.65
CA ALA A 19 -2.34 0.60 -0.48
C ALA A 19 -1.88 2.03 -0.77
N ARG A 20 -0.79 2.41 -0.09
CA ARG A 20 -0.24 3.75 -0.26
C ARG A 20 1.20 3.66 -0.78
N ALA A 21 1.92 2.68 -0.25
CA ALA A 21 3.30 2.49 -0.64
C ALA A 21 3.35 1.59 -1.89
N GLU A 22 2.33 0.77 -2.03
CA GLU A 22 2.24 -0.13 -3.16
C GLU A 22 2.10 0.66 -4.46
N GLN A 23 1.42 1.80 -4.36
CA GLN A 23 1.21 2.65 -5.50
C GLN A 23 1.99 3.96 -5.34
N LEU A 24 3.11 3.86 -4.65
CA LEU A 24 3.95 5.02 -4.42
C LEU A 24 5.17 4.61 -3.61
N ALA A 25 5.68 3.41 -3.92
CA ALA A 25 6.84 2.89 -3.22
C ALA A 25 7.01 1.41 -3.57
N GLN A 26 7.00 1.14 -4.87
CA GLN A 26 7.15 -0.23 -5.34
C GLN A 26 7.05 -0.27 -6.87
N GLN A 27 6.08 0.47 -7.38
CA GLN A 27 5.85 0.52 -8.82
C GLN A 27 6.75 1.59 -9.45
N GLU A 28 6.90 2.69 -8.74
CA GLU A 28 7.72 3.79 -9.21
C GLU A 28 9.08 3.27 -9.70
N HIS A 29 9.57 2.26 -9.00
CA HIS A 29 10.85 1.66 -9.34
C HIS A 29 10.72 0.90 -10.67
N SER A 30 9.55 0.33 -10.86
CA SER A 30 9.28 -0.43 -12.07
C SER A 30 9.06 0.53 -13.25
N LYS A 31 9.12 1.82 -12.94
CA LYS A 31 8.93 2.84 -13.96
C LYS A 31 10.29 3.31 -14.46
N ARG A 32 11.24 3.37 -13.53
CA ARG A 32 12.58 3.81 -13.85
C ARG A 32 13.15 2.97 -15.00
N LYS A 33 12.54 1.81 -15.20
CA LYS A 33 12.98 0.91 -16.25
C LYS A 33 12.96 1.64 -17.59
N LEU A 34 12.03 2.57 -17.71
CA LEU A 34 11.90 3.35 -18.93
C LEU A 34 13.20 4.13 -19.17
N GLU A 36 16.12 3.74 -18.08
CA GLU A 36 17.21 2.91 -17.60
C GLU A 36 18.32 2.82 -18.64
N ILE A 37 17.96 2.29 -19.79
CA ILE A 37 18.91 2.14 -20.88
C ILE A 37 19.99 1.14 -20.47
N ILE A 38 20.60 0.53 -21.48
CA ILE A 38 21.65 -0.45 -21.23
C ILE A 38 22.71 0.16 -20.29
N PRO A 1 -12.78 -22.49 7.56
CA PRO A 1 -12.73 -21.51 6.49
C PRO A 1 -12.42 -20.11 7.05
N PRO A 2 -12.18 -19.15 6.09
CA PRO A 2 -11.88 -17.79 6.47
C PRO A 2 -13.15 -17.05 6.93
N ILE A 3 -12.93 -15.99 7.70
CA ILE A 3 -14.04 -15.20 8.20
C ILE A 3 -13.79 -13.73 7.87
N SER A 4 -14.25 -13.34 6.69
CA SER A 4 -14.10 -11.97 6.23
C SER A 4 -15.34 -11.16 6.59
N LEU A 5 -15.93 -11.50 7.73
CA LEU A 5 -17.12 -10.82 8.20
C LEU A 5 -16.83 -10.17 9.56
N ASP A 6 -16.13 -10.91 10.40
CA ASP A 6 -15.78 -10.43 11.71
C ASP A 6 -14.48 -9.63 11.63
N LEU A 7 -13.56 -10.14 10.84
CA LEU A 7 -12.27 -9.49 10.67
C LEU A 7 -12.34 -8.53 9.48
N THR A 8 -13.48 -7.86 9.37
CA THR A 8 -13.69 -6.92 8.28
C THR A 8 -13.33 -5.50 8.73
N HIS A 10 -11.22 -4.58 10.45
CA HIS A 10 -9.77 -4.43 10.41
C HIS A 10 -9.32 -4.09 8.99
N LEU A 11 -10.18 -4.42 8.04
CA LEU A 11 -9.89 -4.16 6.65
C LEU A 11 -9.78 -2.65 6.43
N LEU A 12 -10.22 -1.90 7.42
CA LEU A 12 -10.17 -0.45 7.35
C LEU A 12 -8.84 0.04 7.92
N ARG A 13 -7.78 -0.68 7.57
CA ARG A 13 -6.45 -0.33 8.04
C ARG A 13 -5.44 -1.41 7.62
N GLU A 14 -5.92 -2.65 7.59
CA GLU A 14 -5.08 -3.77 7.22
C GLU A 14 -4.75 -3.70 5.72
N VAL A 15 -5.79 -3.43 4.94
CA VAL A 15 -5.62 -3.35 3.50
C VAL A 15 -5.04 -1.97 3.13
N LEU A 16 -5.77 -0.94 3.51
CA LEU A 16 -5.35 0.42 3.24
C LEU A 16 -3.84 0.54 3.47
N GLU A 17 -3.36 -0.22 4.46
CA GLU A 17 -1.96 -0.20 4.80
C GLU A 17 -1.11 -0.30 3.52
N ALA A 19 -1.81 0.28 0.55
CA ALA A 19 -2.52 1.01 -0.48
C ALA A 19 -1.99 2.43 -0.57
N ARG A 20 -0.88 2.66 0.14
CA ARG A 20 -0.26 3.98 0.16
C ARG A 20 1.26 3.84 0.08
N ALA A 21 1.70 2.70 -0.43
CA ALA A 21 3.12 2.44 -0.56
C ALA A 21 3.37 1.61 -1.82
N GLU A 22 2.56 0.57 -1.99
CA GLU A 22 2.69 -0.30 -3.13
C GLU A 22 2.36 0.47 -4.42
N GLN A 23 1.57 1.52 -4.26
CA GLN A 23 1.16 2.34 -5.39
C GLN A 23 1.86 3.70 -5.31
N LEU A 24 3.05 3.70 -4.74
CA LEU A 24 3.81 4.93 -4.60
C LEU A 24 5.12 4.63 -3.86
N ALA A 25 5.69 3.48 -4.19
CA ALA A 25 6.95 3.07 -3.57
C ALA A 25 7.21 1.60 -3.90
N GLN A 26 7.18 1.30 -5.20
CA GLN A 26 7.42 -0.05 -5.65
C GLN A 26 7.62 -0.07 -7.17
N GLN A 27 6.76 0.68 -7.85
CA GLN A 27 6.83 0.76 -9.30
C GLN A 27 7.45 2.10 -9.74
N GLU A 28 7.21 3.11 -8.92
CA GLU A 28 7.73 4.44 -9.21
C GLU A 28 9.24 4.37 -9.43
N HIS A 29 9.89 3.55 -8.62
CA HIS A 29 11.33 3.39 -8.72
C HIS A 29 11.69 2.74 -10.05
N SER A 30 10.80 1.85 -10.49
CA SER A 30 11.01 1.15 -11.74
C SER A 30 10.74 2.09 -12.92
N LYS A 31 10.34 3.31 -12.58
CA LYS A 31 10.03 4.30 -13.60
C LYS A 31 11.22 5.25 -13.76
N ARG A 32 11.89 5.48 -12.64
CA ARG A 32 13.05 6.36 -12.65
C ARG A 32 14.32 5.57 -12.98
N LYS A 33 14.43 4.40 -12.37
CA LYS A 33 15.58 3.55 -12.59
C LYS A 33 15.57 3.04 -14.03
N LEU A 34 14.45 3.29 -14.70
CA LEU A 34 14.30 2.88 -16.08
C LEU A 34 15.61 3.12 -16.83
N GLU A 36 18.50 4.23 -15.34
CA GLU A 36 19.49 4.43 -14.29
C GLU A 36 20.86 3.94 -14.75
N ILE A 37 20.92 2.66 -15.07
CA ILE A 37 22.16 2.05 -15.53
C ILE A 37 21.88 0.63 -16.01
N ILE A 38 22.85 0.08 -16.75
CA ILE A 38 22.71 -1.26 -17.28
C ILE A 38 22.45 -2.23 -16.12
N PRO A 1 -3.20 -13.21 23.86
CA PRO A 1 -3.64 -11.91 23.40
C PRO A 1 -4.84 -12.03 22.46
N PRO A 2 -5.60 -10.91 22.35
CA PRO A 2 -6.77 -10.89 21.48
C PRO A 2 -6.36 -10.79 20.01
N ILE A 3 -7.12 -11.48 19.17
CA ILE A 3 -6.85 -11.49 17.75
C ILE A 3 -8.18 -11.45 16.98
N SER A 4 -8.21 -10.60 15.96
CA SER A 4 -9.41 -10.47 15.14
C SER A 4 -10.58 -9.97 16.00
N LEU A 5 -10.46 -8.71 16.42
CA LEU A 5 -11.49 -8.10 17.24
C LEU A 5 -12.84 -8.20 16.51
N ASP A 6 -12.92 -7.50 15.38
CA ASP A 6 -14.14 -7.50 14.60
C ASP A 6 -13.84 -8.08 13.21
N LEU A 7 -12.57 -8.34 12.98
CA LEU A 7 -12.14 -8.89 11.70
C LEU A 7 -12.13 -7.78 10.65
N THR A 8 -13.27 -7.12 10.52
CA THR A 8 -13.41 -6.04 9.56
C THR A 8 -12.53 -4.85 9.96
N HIS A 10 -10.01 -4.92 11.54
CA HIS A 10 -8.62 -5.32 11.40
C HIS A 10 -8.28 -5.49 9.92
N LEU A 11 -9.19 -5.03 9.08
CA LEU A 11 -9.00 -5.12 7.64
C LEU A 11 -8.83 -3.71 7.06
N LEU A 12 -9.56 -2.78 7.65
CA LEU A 12 -9.49 -1.40 7.20
C LEU A 12 -8.06 -0.88 7.32
N ARG A 13 -7.58 -0.86 8.56
CA ARG A 13 -6.23 -0.40 8.82
C ARG A 13 -5.22 -1.29 8.10
N GLU A 14 -5.50 -2.59 8.09
CA GLU A 14 -4.63 -3.54 7.44
C GLU A 14 -4.56 -3.26 5.93
N VAL A 15 -5.73 -3.09 5.34
CA VAL A 15 -5.81 -2.82 3.92
C VAL A 15 -5.34 -1.39 3.64
N LEU A 16 -6.05 -0.45 4.26
CA LEU A 16 -5.71 0.96 4.09
C LEU A 16 -4.19 1.12 4.09
N GLU A 17 -3.54 0.33 4.95
CA GLU A 17 -2.10 0.38 5.06
C GLU A 17 -1.45 0.00 3.72
N ALA A 19 -1.45 -1.26 -0.37
CA ALA A 19 -2.08 -0.76 -1.58
C ALA A 19 -1.66 0.69 -1.82
N ARG A 20 -1.37 1.38 -0.72
CA ARG A 20 -0.95 2.77 -0.80
C ARG A 20 0.57 2.87 -0.90
N ALA A 21 1.23 1.95 -0.21
CA ALA A 21 2.69 1.92 -0.21
C ALA A 21 3.18 1.51 -1.61
N GLU A 22 2.42 0.61 -2.22
CA GLU A 22 2.77 0.13 -3.55
C GLU A 22 2.54 1.22 -4.59
N GLN A 23 1.75 2.21 -4.20
CA GLN A 23 1.44 3.31 -5.09
C GLN A 23 2.41 4.47 -4.86
N LEU A 24 3.63 4.11 -4.47
CA LEU A 24 4.65 5.11 -4.21
C LEU A 24 5.83 4.44 -3.50
N ALA A 25 6.19 3.25 -4.00
CA ALA A 25 7.29 2.50 -3.42
C ALA A 25 7.39 1.15 -4.11
N GLN A 26 7.20 1.17 -5.42
CA GLN A 26 7.27 -0.06 -6.21
C GLN A 26 7.63 0.26 -7.65
N GLN A 27 6.81 1.08 -8.28
CA GLN A 27 7.04 1.47 -9.66
C GLN A 27 8.10 2.58 -9.73
N GLU A 28 8.61 2.94 -8.56
CA GLU A 28 9.62 3.98 -8.47
C GLU A 28 10.96 3.38 -8.03
N HIS A 29 10.87 2.24 -7.36
CA HIS A 29 12.05 1.56 -6.86
C HIS A 29 12.55 0.57 -7.93
N SER A 30 12.09 0.79 -9.14
CA SER A 30 12.48 -0.06 -10.26
C SER A 30 12.12 0.60 -11.59
N LYS A 31 12.15 1.93 -11.57
CA LYS A 31 11.84 2.70 -12.76
C LYS A 31 13.10 3.41 -13.26
N ARG A 32 13.88 3.89 -12.31
CA ARG A 32 15.11 4.59 -12.64
C ARG A 32 15.82 3.89 -13.81
N LYS A 33 16.06 2.60 -13.63
CA LYS A 33 16.72 1.81 -14.65
C LYS A 33 18.16 2.32 -14.84
N LEU A 34 18.90 2.29 -13.74
CA LEU A 34 20.29 2.74 -13.77
C LEU A 34 21.17 1.63 -14.32
N GLU A 36 20.01 -1.97 -14.40
CA GLU A 36 19.15 -3.14 -14.30
C GLU A 36 19.21 -3.94 -15.60
N ILE A 37 18.84 -3.27 -16.69
CA ILE A 37 18.85 -3.91 -18.00
C ILE A 37 20.10 -4.78 -18.13
N ILE A 38 20.00 -5.78 -18.99
CA ILE A 38 21.10 -6.70 -19.23
C ILE A 38 21.82 -6.30 -20.51
N PRO A 1 -11.22 -16.27 12.87
CA PRO A 1 -12.25 -15.47 13.51
C PRO A 1 -13.63 -15.76 12.89
N PRO A 2 -14.68 -15.23 13.58
CA PRO A 2 -16.05 -15.43 13.12
C PRO A 2 -16.34 -14.56 11.91
N ILE A 3 -16.94 -15.17 10.90
CA ILE A 3 -17.28 -14.46 9.68
C ILE A 3 -16.21 -13.42 9.38
N SER A 4 -16.65 -12.33 8.76
CA SER A 4 -15.75 -11.24 8.43
C SER A 4 -16.45 -9.89 8.59
N LEU A 5 -17.30 -9.82 9.59
CA LEU A 5 -18.05 -8.62 9.87
C LEU A 5 -17.49 -7.95 11.12
N ASP A 6 -16.80 -8.75 11.92
CA ASP A 6 -16.21 -8.25 13.15
C ASP A 6 -14.82 -7.70 12.86
N LEU A 7 -14.12 -8.39 11.98
CA LEU A 7 -12.77 -7.99 11.60
C LEU A 7 -12.84 -7.10 10.35
N THR A 8 -13.88 -6.28 10.31
CA THR A 8 -14.07 -5.37 9.18
C THR A 8 -13.41 -4.02 9.48
N HIS A 10 -11.15 -3.36 11.27
CA HIS A 10 -9.71 -3.53 11.29
C HIS A 10 -9.20 -3.73 9.86
N LEU A 11 -10.11 -4.12 8.99
CA LEU A 11 -9.77 -4.34 7.60
C LEU A 11 -9.40 -3.01 6.94
N LEU A 12 -10.04 -1.96 7.42
CA LEU A 12 -9.78 -0.63 6.90
C LEU A 12 -8.32 -0.25 7.14
N ARG A 13 -7.90 -0.45 8.39
CA ARG A 13 -6.54 -0.14 8.77
C ARG A 13 -5.56 -1.16 8.17
N GLU A 14 -6.05 -2.40 8.09
CA GLU A 14 -5.24 -3.47 7.54
C GLU A 14 -4.98 -3.24 6.05
N VAL A 15 -6.07 -3.05 5.32
CA VAL A 15 -5.98 -2.82 3.89
C VAL A 15 -5.27 -1.50 3.63
N LEU A 16 -5.62 -0.50 4.43
CA LEU A 16 -5.02 0.82 4.30
C LEU A 16 -3.51 0.66 4.12
N GLU A 17 -2.94 -0.24 4.91
CA GLU A 17 -1.51 -0.49 4.85
C GLU A 17 -1.05 -0.63 3.41
N ALA A 19 -1.69 -0.18 -0.83
CA ALA A 19 -2.23 0.80 -1.76
C ALA A 19 -1.73 2.19 -1.38
N ARG A 20 -1.05 2.24 -0.25
CA ARG A 20 -0.50 3.50 0.25
C ARG A 20 1.02 3.49 0.17
N ALA A 21 1.55 2.46 -0.47
CA ALA A 21 2.99 2.32 -0.62
C ALA A 21 3.27 1.35 -1.77
N GLU A 22 2.55 0.25 -1.79
CA GLU A 22 2.72 -0.76 -2.82
C GLU A 22 2.33 -0.19 -4.18
N GLN A 23 1.57 0.90 -4.14
CA GLN A 23 1.13 1.54 -5.36
C GLN A 23 1.69 2.96 -5.44
N LEU A 24 2.83 3.15 -4.79
CA LEU A 24 3.48 4.45 -4.78
C LEU A 24 4.79 4.36 -4.00
N ALA A 25 5.49 3.26 -4.21
CA ALA A 25 6.75 3.03 -3.53
C ALA A 25 7.38 1.73 -4.05
N GLN A 26 7.67 1.72 -5.34
CA GLN A 26 8.27 0.54 -5.96
C GLN A 26 8.38 0.75 -7.47
N GLN A 27 7.38 1.43 -8.03
CA GLN A 27 7.36 1.70 -9.45
C GLN A 27 7.59 3.19 -9.71
N GLU A 28 7.23 4.00 -8.73
CA GLU A 28 7.40 5.44 -8.85
C GLU A 28 8.88 5.79 -8.99
N HIS A 29 9.72 4.92 -8.44
CA HIS A 29 11.15 5.13 -8.50
C HIS A 29 11.65 4.89 -9.92
N SER A 30 11.09 3.85 -10.53
CA SER A 30 11.47 3.50 -11.89
C SER A 30 10.83 4.48 -12.88
N LYS A 31 10.06 5.41 -12.33
CA LYS A 31 9.39 6.40 -13.15
C LYS A 31 10.31 7.62 -13.31
N ARG A 32 11.02 7.93 -12.25
CA ARG A 32 11.94 9.06 -12.26
C ARG A 32 13.29 8.64 -12.85
N LYS A 33 13.22 7.99 -13.99
CA LYS A 33 14.43 7.52 -14.66
C LYS A 33 15.36 8.72 -14.92
N LEU A 34 14.74 9.83 -15.28
CA LEU A 34 15.48 11.04 -15.56
C LEU A 34 16.29 10.86 -16.85
N GLU A 36 17.63 7.37 -17.43
CA GLU A 36 17.89 5.94 -17.40
C GLU A 36 17.36 5.28 -18.67
N ILE A 37 16.89 4.05 -18.52
CA ILE A 37 16.36 3.30 -19.65
C ILE A 37 15.20 4.07 -20.27
N ILE A 38 14.97 3.78 -21.54
CA ILE A 38 13.90 4.45 -22.26
C ILE A 38 14.06 5.96 -22.13
N PRO A 1 -15.60 -5.27 21.21
CA PRO A 1 -14.67 -5.73 20.19
C PRO A 1 -15.34 -6.75 19.26
N PRO A 2 -14.75 -6.90 18.05
CA PRO A 2 -15.27 -7.84 17.07
C PRO A 2 -14.94 -9.28 17.45
N ILE A 3 -15.91 -10.15 17.27
CA ILE A 3 -15.74 -11.56 17.59
C ILE A 3 -16.18 -12.41 16.40
N SER A 4 -15.70 -12.03 15.23
CA SER A 4 -16.04 -12.74 14.01
C SER A 4 -17.50 -12.48 13.64
N LEU A 5 -17.77 -11.24 13.26
CA LEU A 5 -19.12 -10.85 12.87
C LEU A 5 -19.09 -10.26 11.46
N ASP A 6 -18.10 -9.41 11.23
CA ASP A 6 -17.96 -8.77 9.94
C ASP A 6 -16.59 -9.14 9.34
N LEU A 7 -15.54 -8.75 10.04
CA LEU A 7 -14.19 -9.03 9.58
C LEU A 7 -13.91 -8.25 8.29
N THR A 8 -14.83 -7.35 7.97
CA THR A 8 -14.70 -6.54 6.77
C THR A 8 -14.04 -5.20 7.10
N HIS A 10 -12.14 -4.67 9.33
CA HIS A 10 -10.78 -4.93 9.76
C HIS A 10 -9.94 -5.37 8.56
N LEU A 11 -10.51 -5.17 7.38
CA LEU A 11 -9.82 -5.53 6.15
C LEU A 11 -9.49 -4.25 5.37
N LEU A 12 -10.39 -3.28 5.45
CA LEU A 12 -10.21 -2.03 4.76
C LEU A 12 -8.93 -1.36 5.26
N ARG A 13 -9.08 -0.57 6.31
CA ARG A 13 -7.95 0.14 6.89
C ARG A 13 -6.74 -0.79 6.98
N GLU A 14 -7.03 -2.08 7.15
CA GLU A 14 -5.97 -3.07 7.25
C GLU A 14 -5.25 -3.22 5.90
N VAL A 15 -6.04 -3.52 4.88
CA VAL A 15 -5.50 -3.69 3.54
C VAL A 15 -5.03 -2.33 3.01
N LEU A 16 -5.92 -1.36 3.12
CA LEU A 16 -5.62 -0.01 2.65
C LEU A 16 -4.23 0.39 3.14
N GLU A 17 -3.89 -0.08 4.33
CA GLU A 17 -2.60 0.23 4.92
C GLU A 17 -1.48 -0.03 3.90
N ALA A 19 -1.59 -0.28 0.75
CA ALA A 19 -2.13 0.05 -0.55
C ALA A 19 -1.71 1.48 -0.92
N ARG A 20 -0.82 2.03 -0.12
CA ARG A 20 -0.33 3.39 -0.35
C ARG A 20 1.18 3.37 -0.59
N ALA A 21 1.86 2.53 0.18
CA ALA A 21 3.31 2.42 0.06
C ALA A 21 3.66 1.84 -1.31
N GLU A 22 2.89 0.84 -1.70
CA GLU A 22 3.10 0.19 -2.99
C GLU A 22 2.79 1.17 -4.13
N GLN A 23 2.06 2.21 -3.79
CA GLN A 23 1.68 3.22 -4.77
C GLN A 23 2.66 4.39 -4.73
N LEU A 24 3.88 4.09 -4.30
CA LEU A 24 4.90 5.11 -4.21
C LEU A 24 6.22 4.46 -3.79
N ALA A 25 6.44 3.25 -4.29
CA ALA A 25 7.65 2.52 -3.98
C ALA A 25 7.56 1.11 -4.58
N GLN A 26 7.27 1.07 -5.88
CA GLN A 26 7.16 -0.19 -6.58
C GLN A 26 6.86 0.05 -8.06
N GLN A 27 5.83 0.85 -8.30
CA GLN A 27 5.43 1.17 -9.66
C GLN A 27 5.97 2.54 -10.07
N GLU A 28 7.02 2.96 -9.37
CA GLU A 28 7.63 4.25 -9.64
C GLU A 28 9.04 4.05 -10.20
N HIS A 29 9.65 2.94 -9.83
CA HIS A 29 10.99 2.62 -10.29
C HIS A 29 10.95 2.25 -11.78
N SER A 30 9.92 1.49 -12.14
CA SER A 30 9.75 1.07 -13.52
C SER A 30 9.23 2.24 -14.36
N LYS A 31 9.02 3.36 -13.69
CA LYS A 31 8.52 4.55 -14.37
C LYS A 31 9.71 5.39 -14.86
N ARG A 32 10.75 5.42 -14.03
CA ARG A 32 11.95 6.18 -14.36
C ARG A 32 12.53 5.69 -15.70
N LYS A 33 12.11 6.35 -16.76
CA LYS A 33 12.57 6.00 -18.09
C LYS A 33 12.05 7.03 -19.10
N LEU A 34 10.75 7.26 -19.06
CA LEU A 34 10.12 8.21 -19.95
C LEU A 34 10.60 9.62 -19.61
N GLU A 36 13.26 10.71 -19.01
CA GLU A 36 14.18 10.67 -17.88
C GLU A 36 15.44 11.46 -18.18
N ILE A 37 16.54 10.97 -17.64
CA ILE A 37 17.83 11.62 -17.84
C ILE A 37 18.18 11.59 -19.34
N ILE A 38 19.29 12.23 -19.66
CA ILE A 38 19.74 12.29 -21.05
C ILE A 38 20.33 10.92 -21.43
N PRO A 1 -14.95 -19.09 0.61
CA PRO A 1 -15.25 -18.51 1.90
C PRO A 1 -15.91 -17.13 1.74
N PRO A 2 -16.63 -16.72 2.81
CA PRO A 2 -17.31 -15.43 2.81
C PRO A 2 -16.32 -14.29 2.99
N ILE A 3 -16.83 -13.07 2.86
CA ILE A 3 -16.00 -11.88 3.00
C ILE A 3 -16.85 -10.74 3.56
N SER A 4 -16.25 -9.99 4.46
CA SER A 4 -16.93 -8.86 5.08
C SER A 4 -18.12 -9.36 5.90
N LEU A 5 -17.81 -10.01 7.01
CA LEU A 5 -18.83 -10.53 7.89
C LEU A 5 -18.93 -9.65 9.13
N ASP A 6 -17.89 -9.71 9.94
CA ASP A 6 -17.85 -8.92 11.17
C ASP A 6 -16.60 -8.04 11.16
N LEU A 7 -15.50 -8.64 10.75
CA LEU A 7 -14.23 -7.91 10.70
C LEU A 7 -14.18 -7.10 9.41
N THR A 8 -15.20 -6.27 9.23
CA THR A 8 -15.28 -5.43 8.04
C THR A 8 -14.71 -4.04 8.34
N HIS A 10 -12.35 -3.42 10.18
CA HIS A 10 -10.90 -3.54 10.22
C HIS A 10 -10.36 -3.68 8.80
N LEU A 11 -11.25 -4.02 7.90
CA LEU A 11 -10.88 -4.19 6.50
C LEU A 11 -10.72 -2.82 5.84
N LEU A 12 -11.17 -1.80 6.56
CA LEU A 12 -11.08 -0.44 6.06
C LEU A 12 -9.92 0.29 6.76
N ARG A 13 -8.75 -0.33 6.69
CA ARG A 13 -7.57 0.24 7.31
C ARG A 13 -6.42 -0.77 7.25
N GLU A 14 -6.75 -2.03 7.44
CA GLU A 14 -5.75 -3.09 7.40
C GLU A 14 -5.19 -3.23 5.99
N VAL A 15 -6.08 -3.40 5.04
CA VAL A 15 -5.69 -3.56 3.65
C VAL A 15 -5.15 -2.23 3.13
N LEU A 16 -6.00 -1.21 3.20
CA LEU A 16 -5.64 0.11 2.74
C LEU A 16 -4.22 0.44 3.22
N GLU A 17 -3.87 -0.14 4.36
CA GLU A 17 -2.55 0.08 4.93
C GLU A 17 -1.46 -0.16 3.88
N ALA A 19 -1.65 -0.21 0.73
CA ALA A 19 -2.20 0.22 -0.55
C ALA A 19 -1.74 1.65 -0.85
N ARG A 20 -0.81 2.12 -0.03
CA ARG A 20 -0.29 3.47 -0.19
C ARG A 20 1.21 3.42 -0.47
N ALA A 21 1.88 2.50 0.21
CA ALA A 21 3.31 2.33 0.05
C ALA A 21 3.59 1.61 -1.27
N GLU A 22 2.66 0.76 -1.65
CA GLU A 22 2.79 0.00 -2.88
C GLU A 22 2.60 0.91 -4.09
N GLN A 23 1.75 1.91 -3.91
CA GLN A 23 1.47 2.86 -4.98
C GLN A 23 2.35 4.10 -4.83
N LEU A 24 3.56 3.87 -4.34
CA LEU A 24 4.52 4.95 -4.14
C LEU A 24 5.86 4.37 -3.70
N ALA A 25 6.21 3.24 -4.29
CA ALA A 25 7.46 2.58 -3.97
C ALA A 25 7.48 1.19 -4.60
N GLN A 26 7.31 1.17 -5.91
CA GLN A 26 7.31 -0.08 -6.65
C GLN A 26 7.30 0.18 -8.16
N GLN A 27 6.50 1.17 -8.55
CA GLN A 27 6.40 1.53 -9.95
C GLN A 27 7.00 2.92 -10.18
N GLU A 28 6.99 3.72 -9.12
CA GLU A 28 7.52 5.06 -9.20
C GLU A 28 9.03 5.03 -9.45
N HIS A 29 9.65 3.94 -9.00
CA HIS A 29 11.08 3.76 -9.17
C HIS A 29 11.39 3.48 -10.64
N SER A 30 10.54 2.67 -11.25
CA SER A 30 10.72 2.31 -12.65
C SER A 30 10.29 3.48 -13.54
N LYS A 31 9.84 4.55 -12.89
CA LYS A 31 9.40 5.73 -13.62
C LYS A 31 10.59 6.67 -13.81
N ARG A 32 11.42 6.75 -12.77
CA ARG A 32 12.59 7.60 -12.81
C ARG A 32 13.64 7.01 -13.76
N LYS A 33 13.58 5.70 -13.92
CA LYS A 33 14.51 5.01 -14.79
C LYS A 33 14.39 5.55 -16.21
N LEU A 34 13.15 5.76 -16.63
CA LEU A 34 12.88 6.28 -17.96
C LEU A 34 13.75 7.53 -18.19
N GLU A 36 16.28 8.87 -16.58
CA GLU A 36 17.42 8.80 -15.67
C GLU A 36 18.71 9.14 -16.42
N ILE A 37 18.99 8.36 -17.45
CA ILE A 37 20.18 8.57 -18.26
C ILE A 37 21.41 8.25 -17.41
N ILE A 38 22.53 8.11 -18.10
CA ILE A 38 23.79 7.81 -17.43
C ILE A 38 24.04 8.85 -16.33
N PRO A 1 -9.29 -7.32 18.66
CA PRO A 1 -9.51 -8.76 18.61
C PRO A 1 -10.52 -9.12 17.51
N PRO A 2 -10.68 -10.45 17.31
CA PRO A 2 -11.61 -10.94 16.30
C PRO A 2 -13.06 -10.81 16.76
N ILE A 3 -13.92 -10.47 15.82
CA ILE A 3 -15.34 -10.31 16.12
C ILE A 3 -16.16 -10.95 15.01
N SER A 4 -17.48 -10.89 15.19
CA SER A 4 -18.39 -11.46 14.22
C SER A 4 -19.67 -10.62 14.15
N LEU A 5 -19.50 -9.38 13.75
CA LEU A 5 -20.63 -8.47 13.63
C LEU A 5 -20.39 -7.50 12.46
N ASP A 6 -19.19 -6.95 12.43
CA ASP A 6 -18.82 -6.02 11.39
C ASP A 6 -17.53 -6.49 10.72
N LEU A 7 -16.48 -6.53 11.52
CA LEU A 7 -15.18 -6.95 11.02
C LEU A 7 -14.80 -6.12 9.79
N THR A 8 -15.47 -4.99 9.66
CA THR A 8 -15.23 -4.11 8.54
C THR A 8 -14.24 -3.00 8.93
N HIS A 10 -12.14 -3.14 10.95
CA HIS A 10 -10.85 -3.76 11.19
C HIS A 10 -10.24 -4.23 9.87
N LEU A 11 -10.83 -3.74 8.79
CA LEU A 11 -10.36 -4.10 7.45
C LEU A 11 -9.81 -2.85 6.76
N LEU A 12 -10.46 -1.72 7.04
CA LEU A 12 -10.05 -0.46 6.45
C LEU A 12 -8.61 -0.16 6.88
N ARG A 13 -8.41 -0.13 8.18
CA ARG A 13 -7.09 0.14 8.73
C ARG A 13 -6.08 -0.93 8.27
N GLU A 14 -6.57 -2.15 8.22
CA GLU A 14 -5.74 -3.27 7.80
C GLU A 14 -5.38 -3.14 6.32
N VAL A 15 -6.41 -3.00 5.50
CA VAL A 15 -6.20 -2.86 4.07
C VAL A 15 -5.45 -1.56 3.79
N LEU A 16 -5.90 -0.49 4.44
CA LEU A 16 -5.29 0.81 4.25
C LEU A 16 -3.77 0.65 4.23
N GLU A 17 -3.28 -0.20 5.12
CA GLU A 17 -1.84 -0.45 5.20
C GLU A 17 -1.25 -0.59 3.81
N ALA A 19 -1.60 -0.90 -0.51
CA ALA A 19 -2.29 -0.20 -1.59
C ALA A 19 -2.02 1.30 -1.46
N ARG A 20 -1.35 1.66 -0.37
CA ARG A 20 -1.03 3.06 -0.11
C ARG A 20 0.49 3.22 0.03
N ALA A 21 1.22 2.23 -0.46
CA ALA A 21 2.67 2.26 -0.41
C ALA A 21 3.24 1.60 -1.67
N GLU A 22 2.66 0.45 -2.00
CA GLU A 22 3.11 -0.28 -3.17
C GLU A 22 2.83 0.52 -4.45
N GLN A 23 2.07 1.60 -4.28
CA GLN A 23 1.72 2.46 -5.39
C GLN A 23 2.40 3.82 -5.24
N LEU A 24 3.59 3.80 -4.65
CA LEU A 24 4.34 5.02 -4.44
C LEU A 24 5.72 4.67 -3.87
N ALA A 25 6.26 3.57 -4.36
CA ALA A 25 7.56 3.11 -3.91
C ALA A 25 7.83 1.70 -4.45
N GLN A 26 7.59 1.56 -5.75
CA GLN A 26 7.80 0.27 -6.40
C GLN A 26 7.94 0.46 -7.90
N GLN A 27 7.07 1.30 -8.46
CA GLN A 27 7.09 1.56 -9.88
C GLN A 27 7.61 2.98 -10.14
N GLU A 28 7.50 3.81 -9.12
CA GLU A 28 7.97 5.19 -9.23
C GLU A 28 9.48 5.24 -9.38
N HIS A 29 10.14 4.25 -8.78
CA HIS A 29 11.58 4.16 -8.85
C HIS A 29 12.02 3.85 -10.28
N SER A 30 11.28 2.94 -10.90
CA SER A 30 11.57 2.54 -12.27
C SER A 30 11.12 3.64 -13.24
N LYS A 31 10.55 4.69 -12.67
CA LYS A 31 10.07 5.81 -13.48
C LYS A 31 11.17 6.87 -13.56
N ARG A 32 11.90 7.00 -12.47
CA ARG A 32 12.99 7.97 -12.41
C ARG A 32 14.31 7.32 -12.84
N LYS A 33 14.28 6.72 -14.02
CA LYS A 33 15.46 6.05 -14.55
C LYS A 33 16.62 7.06 -14.59
N LEU A 34 16.29 8.28 -14.99
CA LEU A 34 17.29 9.33 -15.08
C LEU A 34 18.28 8.99 -16.18
N GLU A 36 19.64 5.35 -16.18
CA GLU A 36 19.91 3.96 -15.88
C GLU A 36 19.79 3.10 -17.15
N ILE A 37 18.62 3.16 -17.75
CA ILE A 37 18.36 2.40 -18.97
C ILE A 37 19.41 2.78 -20.02
N ILE A 38 19.56 1.90 -21.01
CA ILE A 38 20.50 2.13 -22.08
C ILE A 38 21.85 2.55 -21.48
N PRO A 1 -23.06 -18.87 13.52
CA PRO A 1 -23.72 -17.60 13.30
C PRO A 1 -23.08 -16.84 12.15
N PRO A 2 -23.73 -15.69 11.79
CA PRO A 2 -23.23 -14.86 10.71
C PRO A 2 -22.01 -14.06 11.16
N ILE A 3 -20.99 -14.08 10.32
CA ILE A 3 -19.75 -13.37 10.61
C ILE A 3 -19.33 -12.56 9.39
N SER A 4 -20.28 -11.77 8.89
CA SER A 4 -20.01 -10.94 7.72
C SER A 4 -20.77 -9.62 7.85
N LEU A 5 -20.76 -9.07 9.05
CA LEU A 5 -21.44 -7.81 9.32
C LEU A 5 -20.71 -7.07 10.44
N ASP A 6 -19.39 -7.16 10.40
CA ASP A 6 -18.56 -6.51 11.40
C ASP A 6 -17.15 -6.35 10.87
N LEU A 7 -16.64 -7.42 10.30
CA LEU A 7 -15.30 -7.43 9.74
C LEU A 7 -15.32 -6.74 8.37
N THR A 8 -15.77 -5.50 8.36
CA THR A 8 -15.85 -4.73 7.14
C THR A 8 -15.31 -3.32 7.35
N HIS A 10 -13.48 -2.41 9.54
CA HIS A 10 -12.08 -2.51 9.95
C HIS A 10 -11.22 -2.87 8.75
N LEU A 11 -11.85 -2.83 7.57
CA LEU A 11 -11.15 -3.15 6.34
C LEU A 11 -10.87 -1.86 5.57
N LEU A 12 -11.43 -0.78 6.07
CA LEU A 12 -11.24 0.53 5.45
C LEU A 12 -10.09 1.26 6.13
N ARG A 13 -9.07 0.49 6.47
CA ARG A 13 -7.90 1.06 7.14
C ARG A 13 -6.81 -0.01 7.29
N GLU A 14 -7.25 -1.22 7.60
CA GLU A 14 -6.32 -2.33 7.78
C GLU A 14 -5.65 -2.67 6.46
N VAL A 15 -6.47 -2.85 5.44
CA VAL A 15 -5.96 -3.19 4.11
C VAL A 15 -5.38 -1.93 3.46
N LEU A 16 -6.19 -0.87 3.49
CA LEU A 16 -5.77 0.40 2.90
C LEU A 16 -4.36 0.74 3.39
N GLU A 17 -4.06 0.29 4.60
CA GLU A 17 -2.76 0.55 5.19
C GLU A 17 -1.65 0.08 4.25
N ALA A 19 -1.71 -0.51 1.14
CA ALA A 19 -2.18 -0.28 -0.21
C ALA A 19 -1.65 1.06 -0.72
N ARG A 20 -0.73 1.63 0.05
CA ARG A 20 -0.13 2.90 -0.30
C ARG A 20 1.35 2.71 -0.64
N ALA A 21 1.93 1.67 -0.07
CA ALA A 21 3.33 1.37 -0.29
C ALA A 21 3.50 0.74 -1.67
N GLU A 22 2.54 -0.12 -2.01
CA GLU A 22 2.57 -0.80 -3.30
C GLU A 22 2.41 0.22 -4.44
N GLN A 23 1.61 1.23 -4.18
CA GLN A 23 1.37 2.28 -5.16
C GLN A 23 2.37 3.41 -4.99
N LEU A 24 3.56 3.05 -4.53
CA LEU A 24 4.62 4.02 -4.31
C LEU A 24 5.90 3.30 -3.90
N ALA A 25 6.09 2.13 -4.48
CA ALA A 25 7.27 1.33 -4.19
C ALA A 25 7.85 0.77 -5.48
N GLN A 26 7.38 1.34 -6.59
CA GLN A 26 7.84 0.92 -7.90
C GLN A 26 8.21 2.13 -8.76
N GLN A 27 7.28 3.08 -8.79
CA GLN A 27 7.49 4.30 -9.56
C GLN A 27 8.80 4.98 -9.14
N GLU A 28 9.10 4.84 -7.86
CA GLU A 28 10.32 5.44 -7.32
C GLU A 28 11.54 4.60 -7.69
N HIS A 29 11.28 3.35 -8.05
CA HIS A 29 12.33 2.44 -8.43
C HIS A 29 12.55 2.52 -9.94
N SER A 30 12.09 3.62 -10.52
CA SER A 30 12.23 3.84 -11.95
C SER A 30 11.96 5.30 -12.29
N LYS A 31 12.25 6.17 -11.33
CA LYS A 31 12.04 7.59 -11.51
C LYS A 31 13.40 8.30 -11.59
N ARG A 32 14.36 7.74 -10.88
CA ARG A 32 15.70 8.31 -10.86
C ARG A 32 16.20 8.52 -12.29
N LYS A 33 15.94 9.72 -12.80
CA LYS A 33 16.36 10.07 -14.15
C LYS A 33 16.05 11.53 -14.42
N LEU A 34 16.67 12.40 -13.62
CA LEU A 34 16.46 13.83 -13.77
C LEU A 34 17.53 14.40 -14.70
N GLU A 36 19.86 12.40 -16.10
CA GLU A 36 20.42 11.23 -16.76
C GLU A 36 20.48 11.44 -18.27
N ILE A 37 20.39 10.33 -19.00
CA ILE A 37 20.44 10.38 -20.45
C ILE A 37 19.35 11.33 -20.96
N ILE A 38 19.68 12.04 -22.02
CA ILE A 38 18.75 12.99 -22.61
C ILE A 38 17.48 12.25 -23.04
N PRO A 1 -8.34 -18.66 13.59
CA PRO A 1 -8.89 -17.39 14.04
C PRO A 1 -10.13 -17.02 13.22
N PRO A 2 -10.97 -16.13 13.81
CA PRO A 2 -12.18 -15.68 13.15
C PRO A 2 -11.86 -14.69 12.03
N ILE A 3 -12.58 -14.85 10.93
CA ILE A 3 -12.40 -13.98 9.78
C ILE A 3 -13.75 -13.72 9.12
N SER A 4 -14.73 -13.40 9.95
CA SER A 4 -16.07 -13.13 9.46
C SER A 4 -16.85 -12.32 10.50
N LEU A 5 -16.45 -11.07 10.64
CA LEU A 5 -17.10 -10.18 11.59
C LEU A 5 -16.50 -10.39 12.98
N ASP A 6 -15.18 -10.25 13.04
CA ASP A 6 -14.47 -10.43 14.30
C ASP A 6 -13.07 -9.85 14.18
N LEU A 7 -12.44 -10.13 13.05
CA LEU A 7 -11.10 -9.65 12.79
C LEU A 7 -11.16 -8.52 11.76
N THR A 8 -12.15 -7.65 11.92
CA THR A 8 -12.33 -6.53 11.02
C THR A 8 -11.64 -5.29 11.58
N HIS A 10 -9.20 -5.04 13.08
CA HIS A 10 -7.77 -5.16 12.85
C HIS A 10 -7.42 -4.73 11.42
N LEU A 11 -8.45 -4.73 10.58
CA LEU A 11 -8.26 -4.35 9.19
C LEU A 11 -7.88 -2.88 9.12
N LEU A 12 -8.06 -2.20 10.25
CA LEU A 12 -7.73 -0.78 10.33
C LEU A 12 -6.21 -0.62 10.34
N ARG A 13 -5.72 0.03 9.29
CA ARG A 13 -4.28 0.27 9.16
C ARG A 13 -3.62 -0.91 8.44
N GLU A 14 -4.28 -2.05 8.48
CA GLU A 14 -3.77 -3.25 7.84
C GLU A 14 -4.01 -3.17 6.32
N VAL A 15 -5.28 -3.01 5.97
CA VAL A 15 -5.65 -2.93 4.57
C VAL A 15 -5.22 -1.57 4.01
N LEU A 16 -5.55 -0.53 4.75
CA LEU A 16 -5.19 0.82 4.34
C LEU A 16 -3.72 0.86 3.97
N GLU A 17 -2.94 0.00 4.60
CA GLU A 17 -1.52 -0.07 4.34
C GLU A 17 -1.26 -0.40 2.88
N ALA A 19 -2.37 -0.62 -1.17
CA ALA A 19 -3.10 0.19 -2.14
C ALA A 19 -2.79 1.66 -1.91
N ARG A 20 -2.05 1.91 -0.84
CA ARG A 20 -1.68 3.27 -0.48
C ARG A 20 -0.20 3.35 -0.12
N ALA A 21 0.56 2.37 -0.63
CA ALA A 21 1.98 2.32 -0.36
C ALA A 21 2.68 1.58 -1.50
N GLU A 22 2.10 0.45 -1.88
CA GLU A 22 2.65 -0.34 -2.96
C GLU A 22 2.58 0.42 -4.28
N GLN A 23 1.67 1.37 -4.33
CA GLN A 23 1.49 2.18 -5.53
C GLN A 23 2.25 3.50 -5.39
N LEU A 24 3.33 3.45 -4.62
CA LEU A 24 4.15 4.62 -4.41
C LEU A 24 5.38 4.24 -3.58
N ALA A 25 5.88 3.04 -3.86
CA ALA A 25 7.05 2.54 -3.15
C ALA A 25 7.55 1.27 -3.84
N GLN A 26 7.85 1.42 -5.13
CA GLN A 26 8.34 0.29 -5.91
C GLN A 26 8.66 0.75 -7.34
N GLN A 27 7.65 1.27 -8.00
CA GLN A 27 7.82 1.75 -9.38
C GLN A 27 8.08 3.26 -9.38
N GLU A 28 8.72 3.72 -8.33
CA GLU A 28 9.04 5.14 -8.21
C GLU A 28 10.55 5.34 -8.12
N HIS A 29 11.20 4.43 -7.41
CA HIS A 29 12.65 4.49 -7.25
C HIS A 29 13.32 4.28 -8.60
N SER A 30 12.75 3.36 -9.37
CA SER A 30 13.28 3.05 -10.69
C SER A 30 12.92 4.17 -11.68
N LYS A 31 12.20 5.15 -11.17
CA LYS A 31 11.79 6.29 -11.99
C LYS A 31 12.76 7.45 -11.77
N ARG A 32 13.25 7.54 -10.54
CA ARG A 32 14.18 8.60 -10.18
C ARG A 32 15.62 8.17 -10.49
N LYS A 33 16.01 8.40 -11.74
CA LYS A 33 17.35 8.04 -12.17
C LYS A 33 18.30 9.21 -11.88
N LEU A 34 17.98 9.93 -10.82
CA LEU A 34 18.80 11.07 -10.42
C LEU A 34 19.86 10.60 -9.42
N GLU A 36 20.76 7.41 -8.70
CA GLU A 36 20.22 6.33 -7.88
C GLU A 36 21.15 5.11 -7.92
N ILE A 37 21.36 4.60 -9.12
CA ILE A 37 22.22 3.45 -9.30
C ILE A 37 23.57 3.71 -8.62
N ILE A 38 24.31 2.63 -8.41
CA ILE A 38 25.61 2.74 -7.77
C ILE A 38 26.71 2.70 -8.83
#